data_8QSX
#
_entry.id   8QSX
#
_entity_poly.entity_id   1
_entity_poly.type   'polypeptide(L)'
_entity_poly.pdbx_seq_one_letter_code
;GPMLMNSPLRTTVLDLARTTLGSADLTAHEPLADRCEHPALLDDLATTLTAVFAVEITGADLAAGATVADVAARMDDRRD
APRIPELRAGLAPRD
;
_entity_poly.pdbx_strand_id   A
#
# COMPACT_ATOMS: atom_id res chain seq x y z
N GLY A 1 -15.69 -3.29 -0.92
CA GLY A 1 -14.59 -3.57 0.02
C GLY A 1 -14.29 -2.37 0.89
N PRO A 2 -13.34 -2.49 1.84
CA PRO A 2 -12.98 -1.39 2.74
C PRO A 2 -12.06 -0.37 2.06
N MET A 3 -12.50 0.11 0.90
CA MET A 3 -11.71 1.06 0.12
C MET A 3 -12.52 2.31 -0.19
N LEU A 4 -11.83 3.38 -0.56
CA LEU A 4 -12.48 4.62 -0.97
C LEU A 4 -12.27 4.83 -2.46
N MET A 5 -13.16 5.56 -3.11
CA MET A 5 -13.05 5.75 -4.55
C MET A 5 -11.77 6.49 -4.91
N ASN A 6 -11.44 7.52 -4.14
CA ASN A 6 -10.20 8.26 -4.32
C ASN A 6 -9.28 8.04 -3.13
N SER A 7 -8.35 7.13 -3.27
CA SER A 7 -7.40 6.82 -2.21
C SER A 7 -6.06 7.50 -2.47
N PRO A 8 -5.67 8.44 -1.60
CA PRO A 8 -4.37 9.12 -1.71
C PRO A 8 -3.23 8.17 -1.43
N LEU A 9 -3.55 7.08 -0.74
CA LEU A 9 -2.57 6.07 -0.38
C LEU A 9 -2.38 5.08 -1.51
N ARG A 10 -3.49 4.49 -1.97
CA ARG A 10 -3.44 3.46 -3.02
C ARG A 10 -2.83 4.00 -4.30
N THR A 11 -3.13 5.25 -4.62
CA THR A 11 -2.59 5.90 -5.80
C THR A 11 -1.06 5.81 -5.83
N THR A 12 -0.43 6.04 -4.69
CA THR A 12 1.02 6.00 -4.59
C THR A 12 1.52 4.56 -4.56
N VAL A 13 0.75 3.67 -3.93
CA VAL A 13 1.10 2.26 -3.88
C VAL A 13 1.23 1.70 -5.29
N LEU A 14 0.25 2.02 -6.12
CA LEU A 14 0.23 1.57 -7.50
C LEU A 14 1.43 2.12 -8.27
N ASP A 15 1.94 3.27 -7.83
CA ASP A 15 3.07 3.90 -8.48
C ASP A 15 4.39 3.25 -8.05
N LEU A 16 4.62 3.13 -6.75
CA LEU A 16 5.89 2.58 -6.26
C LEU A 16 5.96 1.07 -6.43
N ALA A 17 4.81 0.43 -6.65
CA ALA A 17 4.79 -1.01 -6.87
C ALA A 17 5.55 -1.36 -8.14
N ARG A 18 5.22 -0.72 -9.25
CA ARG A 18 5.90 -0.97 -10.52
C ARG A 18 7.38 -0.63 -10.39
N THR A 19 7.69 0.39 -9.59
CA THR A 19 9.06 0.84 -9.40
C THR A 19 9.89 -0.19 -8.65
N THR A 20 9.40 -0.63 -7.50
CA THR A 20 10.16 -1.54 -6.66
C THR A 20 10.11 -2.98 -7.15
N LEU A 21 8.92 -3.43 -7.59
CA LEU A 21 8.77 -4.83 -7.98
C LEU A 21 9.55 -5.15 -9.26
N GLY A 22 9.80 -4.13 -10.07
CA GLY A 22 10.61 -4.31 -11.26
C GLY A 22 9.80 -4.72 -12.47
N SER A 23 8.54 -4.30 -12.51
CA SER A 23 7.68 -4.62 -13.64
C SER A 23 7.26 -3.35 -14.38
N ALA A 24 6.78 -3.50 -15.61
CA ALA A 24 6.34 -2.35 -16.39
C ALA A 24 4.92 -1.95 -16.00
N ASP A 25 3.96 -2.78 -16.38
CA ASP A 25 2.57 -2.50 -16.06
C ASP A 25 2.17 -3.16 -14.76
N LEU A 26 2.03 -2.36 -13.72
CA LEU A 26 1.50 -2.82 -12.46
C LEU A 26 0.07 -2.33 -12.32
N THR A 27 -0.88 -3.25 -12.22
CA THR A 27 -2.27 -2.89 -12.06
C THR A 27 -2.72 -3.10 -10.61
N ALA A 28 -3.98 -2.76 -10.33
CA ALA A 28 -4.47 -2.76 -8.95
C ALA A 28 -4.30 -4.11 -8.26
N HIS A 29 -4.83 -5.18 -8.84
CA HIS A 29 -4.60 -6.48 -8.24
C HIS A 29 -3.55 -7.25 -9.02
N GLU A 30 -2.32 -7.09 -8.56
CA GLU A 30 -1.18 -7.85 -9.05
C GLU A 30 -0.51 -8.55 -7.89
N PRO A 31 -0.38 -9.88 -7.92
CA PRO A 31 0.42 -10.59 -6.93
C PRO A 31 1.87 -10.15 -7.04
N LEU A 32 2.31 -9.38 -6.05
CA LEU A 32 3.59 -8.68 -6.11
C LEU A 32 4.75 -9.66 -6.20
N ALA A 33 4.69 -10.73 -5.43
CA ALA A 33 5.75 -11.74 -5.42
C ALA A 33 5.82 -12.48 -6.75
N ASP A 34 4.69 -12.52 -7.45
CA ASP A 34 4.60 -13.23 -8.71
C ASP A 34 5.17 -12.39 -9.85
N ARG A 35 4.92 -11.08 -9.80
CA ARG A 35 5.33 -10.18 -10.87
C ARG A 35 6.83 -9.89 -10.81
N CYS A 36 7.42 -9.96 -9.63
CA CYS A 36 8.84 -9.68 -9.48
C CYS A 36 9.71 -10.87 -9.88
N GLU A 37 10.67 -10.61 -10.75
CA GLU A 37 11.64 -11.63 -11.17
C GLU A 37 12.85 -11.60 -10.24
N HIS A 38 12.86 -10.63 -9.33
CA HIS A 38 13.95 -10.43 -8.39
C HIS A 38 13.40 -10.30 -6.96
N PRO A 39 12.50 -11.23 -6.53
CA PRO A 39 11.66 -11.11 -5.32
C PRO A 39 12.37 -10.57 -4.06
N ALA A 40 13.69 -10.63 -4.02
CA ALA A 40 14.44 -10.06 -2.90
C ALA A 40 14.07 -8.59 -2.68
N LEU A 41 13.63 -7.93 -3.74
CA LEU A 41 13.25 -6.51 -3.67
C LEU A 41 11.93 -6.31 -2.93
N LEU A 42 11.24 -7.39 -2.59
CA LEU A 42 10.01 -7.32 -1.82
C LEU A 42 10.27 -6.67 -0.47
N ASP A 43 11.46 -6.92 0.06
CA ASP A 43 11.86 -6.35 1.34
C ASP A 43 12.09 -4.85 1.20
N ASP A 44 12.61 -4.45 0.05
CA ASP A 44 12.82 -3.04 -0.24
C ASP A 44 11.47 -2.32 -0.28
N LEU A 45 10.51 -2.90 -0.97
CA LEU A 45 9.16 -2.35 -1.03
C LEU A 45 8.59 -2.14 0.37
N ALA A 46 8.64 -3.19 1.18
CA ALA A 46 8.13 -3.12 2.55
C ALA A 46 8.83 -2.02 3.34
N THR A 47 10.14 -1.93 3.19
CA THR A 47 10.91 -0.89 3.87
C THR A 47 10.50 0.49 3.37
N THR A 48 10.25 0.59 2.07
CA THR A 48 9.77 1.83 1.47
C THR A 48 8.46 2.28 2.09
N LEU A 49 7.58 1.31 2.38
CA LEU A 49 6.22 1.60 2.83
C LEU A 49 6.21 2.31 4.19
N THR A 50 7.33 2.30 4.90
CA THR A 50 7.45 3.01 6.18
C THR A 50 7.31 4.51 5.98
N ALA A 51 8.27 5.08 5.26
CA ALA A 51 8.38 6.53 5.09
C ALA A 51 7.25 7.09 4.25
N VAL A 52 6.75 6.28 3.33
CA VAL A 52 5.79 6.74 2.35
C VAL A 52 4.36 6.78 2.89
N PHE A 53 3.97 5.77 3.67
CA PHE A 53 2.57 5.67 4.11
C PHE A 53 2.41 5.68 5.62
N ALA A 54 3.53 5.78 6.34
CA ALA A 54 3.52 5.79 7.81
C ALA A 54 3.04 4.45 8.38
N VAL A 55 3.04 3.43 7.53
CA VAL A 55 2.64 2.09 7.94
C VAL A 55 3.38 1.05 7.12
N GLU A 56 4.18 0.25 7.79
CA GLU A 56 5.00 -0.74 7.11
C GLU A 56 4.32 -2.11 7.18
N ILE A 57 4.55 -2.90 6.15
CA ILE A 57 4.04 -4.25 6.10
C ILE A 57 5.17 -5.19 5.67
N THR A 58 5.62 -6.01 6.61
CA THR A 58 6.81 -6.81 6.41
C THR A 58 6.66 -7.79 5.24
N GLY A 59 7.79 -8.11 4.59
CA GLY A 59 7.78 -8.89 3.37
C GLY A 59 6.91 -10.13 3.43
N ALA A 60 7.04 -10.89 4.52
CA ALA A 60 6.32 -12.16 4.66
C ALA A 60 4.81 -11.97 4.55
N ASP A 61 4.31 -10.81 4.97
CA ASP A 61 2.88 -10.54 4.91
C ASP A 61 2.52 -9.89 3.59
N LEU A 62 3.34 -8.95 3.17
CA LEU A 62 3.13 -8.21 1.94
C LEU A 62 3.15 -9.13 0.72
N ALA A 63 4.17 -10.00 0.68
CA ALA A 63 4.35 -10.91 -0.45
C ALA A 63 3.36 -12.06 -0.42
N ALA A 64 2.57 -12.14 0.65
CA ALA A 64 1.63 -13.22 0.84
C ALA A 64 0.40 -13.07 -0.06
N GLY A 65 0.34 -11.95 -0.78
CA GLY A 65 -0.75 -11.75 -1.73
C GLY A 65 -1.51 -10.47 -1.50
N ALA A 66 -0.82 -9.45 -0.99
CA ALA A 66 -1.44 -8.16 -0.77
C ALA A 66 -1.17 -7.25 -1.96
N THR A 67 -2.19 -6.97 -2.73
CA THR A 67 -2.06 -6.12 -3.91
C THR A 67 -2.20 -4.66 -3.53
N VAL A 68 -2.17 -3.74 -4.50
CA VAL A 68 -2.26 -2.32 -4.19
C VAL A 68 -3.60 -2.02 -3.50
N ALA A 69 -4.61 -2.81 -3.82
CA ALA A 69 -5.94 -2.63 -3.24
C ALA A 69 -6.01 -3.23 -1.85
N ASP A 70 -5.08 -4.13 -1.55
CA ASP A 70 -5.06 -4.81 -0.26
C ASP A 70 -4.21 -4.04 0.74
N VAL A 71 -2.94 -3.82 0.38
CA VAL A 71 -2.00 -3.10 1.25
C VAL A 71 -2.53 -1.71 1.58
N ALA A 72 -3.02 -1.00 0.57
CA ALA A 72 -3.49 0.36 0.73
C ALA A 72 -4.78 0.43 1.55
N ALA A 73 -5.56 -0.64 1.50
CA ALA A 73 -6.79 -0.70 2.28
C ALA A 73 -6.46 -0.66 3.77
N ARG A 74 -5.29 -1.19 4.10
CA ARG A 74 -4.80 -1.17 5.47
C ARG A 74 -4.24 0.22 5.79
N MET A 75 -3.71 0.87 4.76
CA MET A 75 -3.16 2.21 4.90
C MET A 75 -4.27 3.23 5.14
N ASP A 76 -5.34 3.11 4.39
CA ASP A 76 -6.51 3.95 4.60
C ASP A 76 -7.17 3.59 5.92
N ASP A 77 -7.00 2.35 6.36
CA ASP A 77 -7.48 1.93 7.67
C ASP A 77 -6.69 2.65 8.77
N ARG A 78 -5.42 2.93 8.49
CA ARG A 78 -4.58 3.69 9.41
C ARG A 78 -5.05 5.14 9.45
N ARG A 79 -5.45 5.65 8.29
CA ARG A 79 -5.92 7.02 8.16
C ARG A 79 -7.36 7.14 8.66
N ASP A 80 -8.02 6.00 8.70
CA ASP A 80 -9.37 5.89 9.27
C ASP A 80 -9.27 5.92 10.79
N ALA A 81 -8.16 5.38 11.29
CA ALA A 81 -7.84 5.46 12.70
C ALA A 81 -7.35 6.87 13.02
N PRO A 82 -7.43 7.30 14.29
CA PRO A 82 -7.06 8.67 14.68
C PRO A 82 -5.68 9.05 14.16
N ARG A 83 -5.67 10.08 13.31
CA ARG A 83 -4.44 10.62 12.75
C ARG A 83 -4.06 11.89 13.48
N ILE A 84 -2.87 12.41 13.20
CA ILE A 84 -2.42 13.68 13.76
C ILE A 84 -3.57 14.71 13.76
N PRO A 85 -3.84 15.33 14.92
CA PRO A 85 -5.00 16.23 15.12
C PRO A 85 -5.12 17.38 14.12
N GLU A 86 -4.10 17.60 13.29
CA GLU A 86 -4.12 18.68 12.31
C GLU A 86 -4.90 18.26 11.06
N LEU A 87 -5.98 17.51 11.25
CA LEU A 87 -6.87 17.10 10.17
C LEU A 87 -6.12 16.30 9.10
N ARG A 88 -5.58 15.16 9.50
CA ARG A 88 -4.86 14.29 8.57
C ARG A 88 -5.64 12.99 8.33
N ALA A 89 -6.76 12.83 9.03
CA ALA A 89 -7.54 11.60 8.93
C ALA A 89 -8.51 11.65 7.76
N GLY A 90 -9.27 12.73 7.67
CA GLY A 90 -10.33 12.83 6.67
C GLY A 90 -11.56 12.09 7.12
N LEU A 91 -11.38 10.81 7.43
CA LEU A 91 -12.42 10.00 8.05
C LEU A 91 -12.30 10.10 9.55
N ALA A 92 -13.11 10.93 10.17
CA ALA A 92 -13.04 11.09 11.61
C ALA A 92 -13.53 9.82 12.29
N PRO A 93 -12.73 9.26 13.20
CA PRO A 93 -13.07 8.04 13.90
C PRO A 93 -14.08 8.27 15.02
N ARG A 94 -14.80 7.21 15.37
CA ARG A 94 -15.78 7.26 16.44
C ARG A 94 -15.35 6.37 17.59
N ASP A 95 -14.03 6.27 17.76
CA ASP A 95 -13.42 5.40 18.78
C ASP A 95 -13.57 3.94 18.41
N GLY A 1 -5.37 14.11 -18.88
CA GLY A 1 -4.35 13.96 -17.81
C GLY A 1 -4.48 12.64 -17.08
N PRO A 2 -3.67 12.42 -16.03
CA PRO A 2 -3.71 11.18 -15.24
C PRO A 2 -4.96 11.08 -14.38
N MET A 3 -5.99 10.46 -14.93
CA MET A 3 -7.25 10.27 -14.21
C MET A 3 -7.09 9.18 -13.16
N LEU A 4 -7.69 9.39 -12.00
CA LEU A 4 -7.56 8.45 -10.90
C LEU A 4 -8.78 7.54 -10.80
N MET A 5 -8.59 6.27 -11.10
CA MET A 5 -9.63 5.28 -10.91
C MET A 5 -9.49 4.65 -9.54
N ASN A 6 -8.29 4.75 -9.00
CA ASN A 6 -7.99 4.23 -7.67
C ASN A 6 -7.73 5.39 -6.72
N SER A 7 -8.06 5.16 -5.46
CA SER A 7 -7.86 6.18 -4.42
C SER A 7 -6.39 6.59 -4.33
N PRO A 8 -6.12 7.86 -3.95
CA PRO A 8 -4.77 8.44 -3.92
C PRO A 8 -3.71 7.50 -3.37
N LEU A 9 -3.96 6.93 -2.20
CA LEU A 9 -2.98 6.09 -1.53
C LEU A 9 -2.67 4.85 -2.37
N ARG A 10 -3.71 4.23 -2.92
CA ARG A 10 -3.52 3.02 -3.73
C ARG A 10 -2.74 3.36 -5.00
N THR A 11 -3.09 4.47 -5.63
CA THR A 11 -2.39 4.92 -6.82
C THR A 11 -0.93 5.27 -6.49
N THR A 12 -0.70 5.72 -5.27
CA THR A 12 0.65 6.01 -4.80
C THR A 12 1.43 4.70 -4.65
N VAL A 13 0.74 3.64 -4.21
CA VAL A 13 1.35 2.31 -4.14
C VAL A 13 1.78 1.87 -5.53
N LEU A 14 0.92 2.08 -6.51
CA LEU A 14 1.20 1.73 -7.89
C LEU A 14 2.53 2.31 -8.35
N ASP A 15 2.76 3.57 -8.01
CA ASP A 15 3.97 4.27 -8.44
C ASP A 15 5.23 3.63 -7.84
N LEU A 16 5.21 3.35 -6.55
CA LEU A 16 6.38 2.79 -5.90
C LEU A 16 6.50 1.28 -6.14
N ALA A 17 5.37 0.60 -6.34
CA ALA A 17 5.38 -0.83 -6.60
C ALA A 17 6.08 -1.13 -7.92
N ARG A 18 5.65 -0.46 -8.98
CA ARG A 18 6.27 -0.66 -10.30
C ARG A 18 7.76 -0.32 -10.26
N THR A 19 8.12 0.68 -9.46
CA THR A 19 9.49 1.15 -9.38
C THR A 19 10.39 0.15 -8.66
N THR A 20 10.02 -0.22 -7.44
CA THR A 20 10.84 -1.09 -6.62
C THR A 20 10.90 -2.51 -7.19
N LEU A 21 9.76 -3.01 -7.66
CA LEU A 21 9.70 -4.39 -8.14
C LEU A 21 10.20 -4.53 -9.57
N GLY A 22 10.31 -3.40 -10.26
CA GLY A 22 10.83 -3.41 -11.62
C GLY A 22 9.79 -3.84 -12.64
N SER A 23 8.58 -3.32 -12.49
CA SER A 23 7.49 -3.67 -13.38
C SER A 23 7.08 -2.44 -14.20
N ALA A 24 6.59 -2.68 -15.41
CA ALA A 24 6.19 -1.59 -16.28
C ALA A 24 4.79 -1.09 -15.93
N ASP A 25 3.77 -1.86 -16.27
CA ASP A 25 2.40 -1.50 -15.96
C ASP A 25 1.90 -2.29 -14.77
N LEU A 26 1.74 -1.61 -13.66
CA LEU A 26 1.35 -2.25 -12.41
C LEU A 26 -0.13 -1.98 -12.13
N THR A 27 -0.94 -3.04 -12.18
CA THR A 27 -2.38 -2.92 -11.98
C THR A 27 -2.73 -2.83 -10.49
N ALA A 28 -4.00 -2.51 -10.19
CA ALA A 28 -4.44 -2.39 -8.81
C ALA A 28 -4.74 -3.74 -8.18
N HIS A 29 -4.80 -4.78 -8.99
CA HIS A 29 -4.85 -6.13 -8.46
C HIS A 29 -3.84 -7.00 -9.18
N GLU A 30 -2.66 -7.05 -8.62
CA GLU A 30 -1.58 -7.91 -9.09
C GLU A 30 -1.01 -8.75 -7.96
N PRO A 31 -0.68 -10.02 -8.20
CA PRO A 31 0.13 -10.76 -7.26
C PRO A 31 1.58 -10.25 -7.33
N LEU A 32 1.99 -9.51 -6.30
CA LEU A 32 3.33 -8.93 -6.25
C LEU A 32 4.40 -10.01 -6.33
N ALA A 33 4.14 -11.14 -5.68
CA ALA A 33 5.09 -12.24 -5.66
C ALA A 33 5.20 -12.89 -7.04
N ASP A 34 4.18 -12.72 -7.87
CA ASP A 34 4.18 -13.28 -9.21
C ASP A 34 4.83 -12.30 -10.19
N ARG A 35 4.52 -11.03 -10.02
CA ARG A 35 5.09 -9.99 -10.88
C ARG A 35 6.57 -9.80 -10.60
N CYS A 36 6.96 -10.02 -9.35
CA CYS A 36 8.35 -9.86 -8.96
C CYS A 36 9.12 -11.16 -9.20
N GLU A 37 10.03 -11.12 -10.16
CA GLU A 37 10.88 -12.26 -10.46
C GLU A 37 12.16 -12.17 -9.63
N HIS A 38 12.18 -11.19 -8.74
CA HIS A 38 13.32 -10.89 -7.89
C HIS A 38 12.88 -10.72 -6.42
N PRO A 39 12.08 -11.68 -5.87
CA PRO A 39 11.34 -11.56 -4.59
C PRO A 39 11.99 -10.71 -3.48
N ALA A 40 13.31 -10.65 -3.45
CA ALA A 40 14.01 -9.77 -2.51
C ALA A 40 13.46 -8.35 -2.55
N LEU A 41 13.07 -7.90 -3.74
CA LEU A 41 12.56 -6.54 -3.95
C LEU A 41 11.24 -6.32 -3.19
N LEU A 42 10.57 -7.39 -2.83
CA LEU A 42 9.33 -7.30 -2.07
C LEU A 42 9.60 -6.70 -0.69
N ASP A 43 10.77 -7.00 -0.14
CA ASP A 43 11.16 -6.45 1.15
C ASP A 43 11.62 -5.01 0.98
N ASP A 44 12.25 -4.73 -0.16
CA ASP A 44 12.65 -3.37 -0.50
C ASP A 44 11.42 -2.46 -0.56
N LEU A 45 10.34 -2.99 -1.13
CA LEU A 45 9.09 -2.25 -1.23
C LEU A 45 8.52 -1.94 0.14
N ALA A 46 8.59 -2.94 1.03
CA ALA A 46 8.08 -2.78 2.39
C ALA A 46 8.78 -1.63 3.10
N THR A 47 10.09 -1.51 2.89
CA THR A 47 10.87 -0.45 3.50
C THR A 47 10.42 0.92 2.97
N THR A 48 9.97 0.97 1.73
CA THR A 48 9.44 2.20 1.15
C THR A 48 8.13 2.58 1.83
N LEU A 49 7.37 1.56 2.20
CA LEU A 49 6.03 1.76 2.76
C LEU A 49 6.08 2.43 4.14
N THR A 50 7.28 2.47 4.74
CA THR A 50 7.48 3.13 6.02
C THR A 50 7.26 4.64 5.92
N ALA A 51 7.90 5.25 4.93
CA ALA A 51 7.92 6.70 4.80
C ALA A 51 6.68 7.22 4.11
N VAL A 52 6.11 6.40 3.25
CA VAL A 52 4.99 6.82 2.41
C VAL A 52 3.66 6.80 3.17
N PHE A 53 3.42 5.79 3.99
CA PHE A 53 2.12 5.65 4.66
C PHE A 53 2.25 5.68 6.17
N ALA A 54 3.47 5.83 6.67
CA ALA A 54 3.75 5.84 8.10
C ALA A 54 3.37 4.52 8.75
N VAL A 55 3.39 3.45 7.95
CA VAL A 55 3.11 2.12 8.44
C VAL A 55 3.69 1.09 7.47
N GLU A 56 4.60 0.27 7.98
CA GLU A 56 5.28 -0.70 7.15
C GLU A 56 4.62 -2.06 7.27
N ILE A 57 4.44 -2.71 6.13
CA ILE A 57 3.99 -4.08 6.09
C ILE A 57 5.19 -4.97 5.73
N THR A 58 5.51 -5.89 6.62
CA THR A 58 6.73 -6.67 6.49
C THR A 58 6.66 -7.63 5.30
N GLY A 59 7.84 -8.02 4.80
CA GLY A 59 7.94 -8.78 3.56
C GLY A 59 7.05 -10.00 3.51
N ALA A 60 7.13 -10.86 4.53
CA ALA A 60 6.36 -12.10 4.55
C ALA A 60 4.86 -11.82 4.58
N ASP A 61 4.48 -10.73 5.22
CA ASP A 61 3.07 -10.35 5.33
C ASP A 61 2.60 -9.74 4.02
N LEU A 62 3.48 -8.99 3.38
CA LEU A 62 3.22 -8.34 2.11
C LEU A 62 3.15 -9.36 0.98
N ALA A 63 4.12 -10.27 0.95
CA ALA A 63 4.23 -11.27 -0.10
C ALA A 63 3.31 -12.46 0.15
N ALA A 64 2.44 -12.33 1.15
CA ALA A 64 1.50 -13.40 1.47
C ALA A 64 0.21 -13.26 0.67
N GLY A 65 0.28 -12.55 -0.44
CA GLY A 65 -0.86 -12.41 -1.32
C GLY A 65 -1.64 -11.13 -1.08
N ALA A 66 -0.94 -10.02 -0.94
CA ALA A 66 -1.57 -8.73 -0.81
C ALA A 66 -1.32 -7.90 -2.06
N THR A 67 -2.38 -7.65 -2.83
CA THR A 67 -2.26 -6.78 -3.99
C THR A 67 -2.11 -5.35 -3.54
N VAL A 68 -1.73 -4.45 -4.44
CA VAL A 68 -1.58 -3.05 -4.09
C VAL A 68 -2.84 -2.49 -3.47
N ALA A 69 -3.99 -3.02 -3.87
CA ALA A 69 -5.27 -2.61 -3.31
C ALA A 69 -5.38 -3.04 -1.85
N ASP A 70 -4.84 -4.22 -1.53
CA ASP A 70 -4.88 -4.76 -0.18
C ASP A 70 -3.81 -4.08 0.67
N VAL A 71 -2.60 -3.97 0.13
CA VAL A 71 -1.51 -3.23 0.79
C VAL A 71 -1.99 -1.83 1.20
N ALA A 72 -2.62 -1.13 0.25
CA ALA A 72 -3.11 0.23 0.50
C ALA A 72 -4.22 0.25 1.54
N ALA A 73 -5.05 -0.80 1.54
CA ALA A 73 -6.15 -0.90 2.48
C ALA A 73 -5.67 -0.94 3.92
N ARG A 74 -4.48 -1.47 4.13
CA ARG A 74 -3.89 -1.56 5.46
C ARG A 74 -3.31 -0.22 5.87
N MET A 75 -3.08 0.64 4.89
CA MET A 75 -2.50 1.94 5.13
C MET A 75 -3.57 2.94 5.53
N ASP A 76 -4.79 2.69 5.06
CA ASP A 76 -5.93 3.52 5.43
C ASP A 76 -6.61 2.97 6.68
N ASP A 77 -6.10 1.83 7.15
CA ASP A 77 -6.58 1.21 8.39
C ASP A 77 -6.37 2.15 9.57
N ARG A 78 -5.50 3.14 9.37
CA ARG A 78 -5.28 4.20 10.35
C ARG A 78 -6.58 4.98 10.61
N ARG A 79 -7.47 4.96 9.62
CA ARG A 79 -8.75 5.66 9.72
C ARG A 79 -9.75 4.82 10.53
N ASP A 80 -9.44 3.55 10.67
CA ASP A 80 -10.32 2.62 11.37
C ASP A 80 -9.98 2.58 12.86
N ALA A 81 -8.95 3.31 13.23
CA ALA A 81 -8.62 3.49 14.64
C ALA A 81 -9.68 4.37 15.29
N PRO A 82 -9.82 4.33 16.62
CA PRO A 82 -10.79 5.17 17.33
C PRO A 82 -10.71 6.63 16.88
N ARG A 83 -11.80 7.10 16.29
CA ARG A 83 -11.83 8.43 15.69
C ARG A 83 -12.53 9.43 16.60
N ILE A 84 -12.01 10.64 16.63
CA ILE A 84 -12.56 11.69 17.46
C ILE A 84 -13.59 12.51 16.68
N PRO A 85 -14.75 12.79 17.28
CA PRO A 85 -15.87 13.51 16.62
C PRO A 85 -15.41 14.64 15.70
N GLU A 86 -14.55 15.50 16.21
CA GLU A 86 -14.10 16.67 15.46
C GLU A 86 -12.67 16.48 14.95
N LEU A 87 -12.31 15.25 14.64
CA LEU A 87 -10.98 14.95 14.15
C LEU A 87 -10.98 13.63 13.39
N ARG A 88 -12.11 13.33 12.75
CA ARG A 88 -12.27 12.06 12.06
C ARG A 88 -12.30 12.26 10.54
N ALA A 89 -12.73 13.43 10.11
CA ALA A 89 -12.90 13.72 8.69
C ALA A 89 -11.56 13.98 8.02
N GLY A 90 -10.75 14.83 8.63
CA GLY A 90 -9.45 15.14 8.08
C GLY A 90 -8.52 13.94 8.13
N LEU A 91 -8.12 13.57 9.34
CA LEU A 91 -7.25 12.43 9.54
C LEU A 91 -7.42 11.90 10.95
N ALA A 92 -7.71 10.61 11.05
CA ALA A 92 -7.82 9.94 12.35
C ALA A 92 -6.49 10.05 13.10
N PRO A 93 -6.54 10.05 14.43
CA PRO A 93 -5.37 10.29 15.29
C PRO A 93 -4.15 9.48 14.88
N ARG A 94 -3.08 10.18 14.55
CA ARG A 94 -1.84 9.56 14.09
C ARG A 94 -0.92 9.22 15.25
N ASP A 95 -1.45 8.54 16.24
CA ASP A 95 -0.66 8.15 17.40
C ASP A 95 -0.97 6.72 17.79
N GLY A 1 -14.46 1.43 -11.67
CA GLY A 1 -15.92 1.38 -11.40
C GLY A 1 -16.57 2.72 -11.60
N PRO A 2 -17.91 2.76 -11.74
CA PRO A 2 -18.64 4.01 -11.96
C PRO A 2 -18.54 4.95 -10.76
N MET A 3 -18.36 4.37 -9.58
CA MET A 3 -18.17 5.15 -8.36
C MET A 3 -16.69 5.26 -8.06
N LEU A 4 -16.25 6.42 -7.63
CA LEU A 4 -14.85 6.64 -7.32
C LEU A 4 -14.52 6.02 -5.97
N MET A 5 -13.78 4.93 -5.99
CA MET A 5 -13.33 4.26 -4.77
C MET A 5 -11.82 4.04 -4.85
N ASN A 6 -11.19 4.80 -5.73
CA ASN A 6 -9.75 4.68 -5.94
C ASN A 6 -9.00 5.61 -5.00
N SER A 7 -8.44 5.03 -3.96
CA SER A 7 -7.71 5.76 -2.94
C SER A 7 -6.45 6.39 -3.53
N PRO A 8 -6.20 7.68 -3.21
CA PRO A 8 -4.97 8.37 -3.63
C PRO A 8 -3.74 7.74 -3.00
N LEU A 9 -3.93 7.10 -1.87
CA LEU A 9 -2.85 6.38 -1.20
C LEU A 9 -2.53 5.11 -1.98
N ARG A 10 -3.59 4.47 -2.47
CA ARG A 10 -3.46 3.25 -3.27
C ARG A 10 -2.73 3.56 -4.57
N THR A 11 -3.03 4.72 -5.14
CA THR A 11 -2.36 5.18 -6.35
C THR A 11 -0.86 5.36 -6.07
N THR A 12 -0.53 5.86 -4.88
CA THR A 12 0.84 6.00 -4.46
C THR A 12 1.50 4.62 -4.31
N VAL A 13 0.73 3.63 -3.85
CA VAL A 13 1.22 2.25 -3.78
C VAL A 13 1.52 1.75 -5.18
N LEU A 14 0.61 2.02 -6.10
CA LEU A 14 0.77 1.63 -7.48
C LEU A 14 2.07 2.21 -8.05
N ASP A 15 2.35 3.44 -7.64
CA ASP A 15 3.55 4.15 -8.09
C ASP A 15 4.83 3.49 -7.56
N LEU A 16 4.86 3.13 -6.28
CA LEU A 16 6.05 2.55 -5.70
C LEU A 16 6.15 1.06 -5.99
N ALA A 17 5.03 0.44 -6.32
CA ALA A 17 5.02 -0.98 -6.69
C ALA A 17 5.73 -1.19 -8.02
N ARG A 18 5.30 -0.44 -9.03
CA ARG A 18 5.88 -0.56 -10.38
C ARG A 18 7.40 -0.34 -10.34
N THR A 19 7.84 0.62 -9.53
CA THR A 19 9.26 0.93 -9.42
C THR A 19 10.03 -0.23 -8.78
N THR A 20 9.53 -0.68 -7.63
CA THR A 20 10.24 -1.68 -6.84
C THR A 20 10.19 -3.06 -7.48
N LEU A 21 9.04 -3.43 -8.03
CA LEU A 21 8.85 -4.76 -8.61
C LEU A 21 9.55 -4.88 -9.95
N GLY A 22 9.82 -3.75 -10.58
CA GLY A 22 10.46 -3.75 -11.88
C GLY A 22 9.45 -3.92 -13.01
N SER A 23 8.31 -3.26 -12.87
CA SER A 23 7.24 -3.39 -13.83
C SER A 23 6.90 -2.03 -14.40
N ALA A 24 6.70 -1.95 -15.71
CA ALA A 24 6.32 -0.71 -16.36
C ALA A 24 4.88 -0.34 -16.01
N ASP A 25 3.94 -1.18 -16.42
CA ASP A 25 2.54 -0.97 -16.07
C ASP A 25 2.12 -1.94 -14.99
N LEU A 26 1.92 -1.42 -13.80
CA LEU A 26 1.51 -2.23 -12.66
C LEU A 26 0.01 -2.05 -12.43
N THR A 27 -0.70 -3.15 -12.21
CA THR A 27 -2.15 -3.11 -12.06
C THR A 27 -2.56 -3.12 -10.60
N ALA A 28 -3.78 -2.65 -10.31
CA ALA A 28 -4.22 -2.45 -8.93
C ALA A 28 -4.58 -3.76 -8.23
N HIS A 29 -4.55 -4.86 -8.95
CA HIS A 29 -4.55 -6.17 -8.30
C HIS A 29 -3.78 -7.19 -9.12
N GLU A 30 -2.50 -7.28 -8.81
CA GLU A 30 -1.66 -8.36 -9.27
C GLU A 30 -0.96 -9.01 -8.09
N PRO A 31 -0.60 -10.28 -8.18
CA PRO A 31 0.26 -10.90 -7.17
C PRO A 31 1.67 -10.33 -7.27
N LEU A 32 2.04 -9.50 -6.29
CA LEU A 32 3.34 -8.85 -6.28
C LEU A 32 4.48 -9.87 -6.35
N ALA A 33 4.27 -11.02 -5.74
CA ALA A 33 5.29 -12.06 -5.71
C ALA A 33 5.39 -12.77 -7.06
N ASP A 34 4.36 -12.65 -7.87
CA ASP A 34 4.34 -13.26 -9.19
C ASP A 34 4.90 -12.29 -10.23
N ARG A 35 4.71 -11.01 -9.98
CA ARG A 35 5.14 -9.97 -10.89
C ARG A 35 6.66 -9.78 -10.87
N CYS A 36 7.31 -10.29 -9.85
CA CYS A 36 8.75 -10.13 -9.73
C CYS A 36 9.49 -11.45 -9.95
N GLU A 37 10.53 -11.38 -10.77
CA GLU A 37 11.43 -12.51 -10.96
C GLU A 37 12.56 -12.44 -9.94
N HIS A 38 12.50 -11.41 -9.11
CA HIS A 38 13.50 -11.14 -8.09
C HIS A 38 12.84 -10.90 -6.72
N PRO A 39 11.89 -11.77 -6.30
CA PRO A 39 10.97 -11.54 -5.17
C PRO A 39 11.60 -10.97 -3.89
N ALA A 40 12.91 -11.10 -3.74
CA ALA A 40 13.62 -10.55 -2.59
C ALA A 40 13.41 -9.03 -2.48
N LEU A 41 13.11 -8.39 -3.61
CA LEU A 41 12.90 -6.94 -3.64
C LEU A 41 11.57 -6.55 -2.98
N LEU A 42 10.74 -7.54 -2.67
CA LEU A 42 9.46 -7.28 -2.01
C LEU A 42 9.69 -6.70 -0.62
N ASP A 43 10.83 -7.03 -0.03
CA ASP A 43 11.17 -6.50 1.29
C ASP A 43 11.51 -5.02 1.18
N ASP A 44 12.19 -4.66 0.08
CA ASP A 44 12.52 -3.27 -0.20
C ASP A 44 11.25 -2.44 -0.36
N LEU A 45 10.22 -3.07 -0.91
CA LEU A 45 8.92 -2.42 -1.04
C LEU A 45 8.35 -2.08 0.33
N ALA A 46 8.48 -3.03 1.25
CA ALA A 46 8.04 -2.84 2.62
C ALA A 46 8.85 -1.74 3.30
N THR A 47 10.15 -1.72 3.02
CA THR A 47 11.04 -0.68 3.56
C THR A 47 10.64 0.70 3.05
N THR A 48 9.98 0.70 1.91
CA THR A 48 9.48 1.93 1.31
C THR A 48 8.15 2.36 1.95
N LEU A 49 7.38 1.37 2.40
CA LEU A 49 6.04 1.62 2.90
C LEU A 49 6.04 2.33 4.26
N THR A 50 7.21 2.43 4.87
CA THR A 50 7.38 3.16 6.12
C THR A 50 7.19 4.66 5.91
N ALA A 51 8.10 5.24 5.15
CA ALA A 51 8.17 6.69 4.94
C ALA A 51 6.93 7.23 4.23
N VAL A 52 6.22 6.35 3.55
CA VAL A 52 5.11 6.77 2.71
C VAL A 52 3.77 6.81 3.47
N PHE A 53 3.45 5.77 4.22
CA PHE A 53 2.14 5.72 4.88
C PHE A 53 2.26 5.62 6.40
N ALA A 54 3.50 5.56 6.88
CA ALA A 54 3.78 5.40 8.31
C ALA A 54 3.28 4.04 8.81
N VAL A 55 3.01 3.14 7.87
CA VAL A 55 2.62 1.77 8.19
C VAL A 55 3.51 0.81 7.44
N GLU A 56 4.38 0.12 8.15
CA GLU A 56 5.26 -0.82 7.50
C GLU A 56 4.74 -2.23 7.60
N ILE A 57 4.32 -2.74 6.46
CA ILE A 57 3.91 -4.13 6.36
C ILE A 57 5.11 -4.97 5.97
N THR A 58 5.59 -5.77 6.90
CA THR A 58 6.82 -6.52 6.73
C THR A 58 6.81 -7.42 5.49
N GLY A 59 7.98 -7.61 4.89
CA GLY A 59 8.09 -8.31 3.63
C GLY A 59 7.33 -9.62 3.57
N ALA A 60 7.52 -10.45 4.58
CA ALA A 60 6.90 -11.77 4.61
C ALA A 60 5.37 -11.68 4.66
N ASP A 61 4.85 -10.58 5.18
CA ASP A 61 3.42 -10.39 5.28
C ASP A 61 2.87 -9.72 4.02
N LEU A 62 3.68 -8.85 3.44
CA LEU A 62 3.33 -8.17 2.20
C LEU A 62 3.35 -9.17 1.03
N ALA A 63 4.41 -9.98 0.98
CA ALA A 63 4.57 -10.97 -0.07
C ALA A 63 3.71 -12.20 0.19
N ALA A 64 2.96 -12.17 1.29
CA ALA A 64 2.05 -13.26 1.62
C ALA A 64 0.90 -13.32 0.64
N GLY A 65 0.72 -12.22 -0.09
CA GLY A 65 -0.34 -12.17 -1.07
C GLY A 65 -1.15 -10.89 -0.97
N ALA A 66 -0.48 -9.78 -0.69
CA ALA A 66 -1.14 -8.49 -0.66
C ALA A 66 -0.97 -7.80 -2.00
N THR A 67 -2.05 -7.71 -2.75
CA THR A 67 -2.05 -6.91 -3.97
C THR A 67 -1.96 -5.45 -3.57
N VAL A 68 -1.59 -4.57 -4.50
CA VAL A 68 -1.41 -3.16 -4.18
C VAL A 68 -2.63 -2.58 -3.46
N ALA A 69 -3.81 -3.08 -3.81
CA ALA A 69 -5.06 -2.57 -3.24
C ALA A 69 -5.34 -3.16 -1.86
N ASP A 70 -4.73 -4.30 -1.54
CA ASP A 70 -4.94 -4.95 -0.24
C ASP A 70 -4.09 -4.28 0.83
N VAL A 71 -2.80 -4.17 0.55
CA VAL A 71 -1.88 -3.50 1.46
C VAL A 71 -2.24 -2.03 1.61
N ALA A 72 -2.61 -1.43 0.49
CA ALA A 72 -3.09 -0.04 0.48
C ALA A 72 -4.28 0.16 1.41
N ALA A 73 -5.18 -0.82 1.44
CA ALA A 73 -6.36 -0.74 2.28
C ALA A 73 -5.97 -0.69 3.76
N ARG A 74 -4.82 -1.25 4.08
CA ARG A 74 -4.30 -1.25 5.43
C ARG A 74 -3.72 0.12 5.76
N MET A 75 -3.37 0.85 4.71
CA MET A 75 -2.83 2.20 4.84
C MET A 75 -3.98 3.18 5.02
N ASP A 76 -5.03 2.98 4.22
CA ASP A 76 -6.25 3.76 4.34
C ASP A 76 -6.88 3.59 5.73
N ASP A 77 -6.55 2.47 6.37
CA ASP A 77 -7.03 2.18 7.72
C ASP A 77 -6.63 3.27 8.70
N ARG A 78 -5.51 3.93 8.42
CA ARG A 78 -5.03 5.05 9.24
C ARG A 78 -6.13 6.10 9.40
N ARG A 79 -6.77 6.46 8.31
CA ARG A 79 -7.77 7.50 8.33
C ARG A 79 -9.18 6.92 8.34
N ASP A 80 -9.27 5.59 8.54
CA ASP A 80 -10.55 4.92 8.58
C ASP A 80 -11.33 5.33 9.83
N ALA A 81 -10.61 5.45 10.93
CA ALA A 81 -11.17 6.03 12.14
C ALA A 81 -11.37 7.52 11.92
N PRO A 82 -12.27 8.17 12.69
CA PRO A 82 -12.50 9.61 12.57
C PRO A 82 -11.19 10.38 12.62
N ARG A 83 -10.87 11.08 11.54
CA ARG A 83 -9.60 11.77 11.46
C ARG A 83 -9.78 13.19 11.98
N ILE A 84 -9.04 13.49 13.03
CA ILE A 84 -9.09 14.81 13.63
C ILE A 84 -8.71 15.86 12.59
N PRO A 85 -9.60 16.83 12.33
CA PRO A 85 -9.38 17.86 11.31
C PRO A 85 -8.09 18.67 11.54
N GLU A 86 -7.44 18.41 12.66
CA GLU A 86 -6.18 19.05 13.01
C GLU A 86 -5.02 18.40 12.23
N LEU A 87 -5.15 18.37 10.91
CA LEU A 87 -4.11 17.83 10.03
C LEU A 87 -3.85 16.35 10.33
N ARG A 88 -4.90 15.55 10.19
CA ARG A 88 -4.78 14.09 10.34
C ARG A 88 -4.97 13.42 8.98
N ALA A 89 -4.85 14.22 7.93
CA ALA A 89 -5.13 13.76 6.57
C ALA A 89 -4.09 12.77 6.04
N GLY A 90 -3.04 12.52 6.82
CA GLY A 90 -2.02 11.59 6.38
C GLY A 90 -1.56 10.64 7.48
N LEU A 91 -2.38 10.46 8.51
CA LEU A 91 -2.02 9.61 9.63
C LEU A 91 -3.24 9.24 10.45
N ALA A 92 -3.03 8.39 11.45
CA ALA A 92 -4.09 7.97 12.36
C ALA A 92 -3.98 8.73 13.67
N PRO A 93 -5.13 9.18 14.22
CA PRO A 93 -5.17 9.81 15.53
C PRO A 93 -4.77 8.83 16.62
N ARG A 94 -3.86 9.26 17.50
CA ARG A 94 -3.39 8.45 18.63
C ARG A 94 -2.58 7.24 18.17
N ASP A 95 -1.43 7.50 17.55
CA ASP A 95 -0.53 6.42 17.18
C ASP A 95 0.84 6.65 17.77
N GLY A 1 -14.49 21.10 0.86
CA GLY A 1 -13.75 20.01 1.55
C GLY A 1 -13.53 18.82 0.66
N PRO A 2 -12.27 18.41 0.44
CA PRO A 2 -11.94 17.26 -0.42
C PRO A 2 -12.56 15.95 0.09
N MET A 3 -13.32 15.30 -0.77
CA MET A 3 -13.97 14.05 -0.43
C MET A 3 -13.58 12.96 -1.42
N LEU A 4 -12.60 12.15 -1.04
CA LEU A 4 -12.18 11.03 -1.87
C LEU A 4 -12.71 9.74 -1.28
N MET A 5 -13.56 9.07 -2.05
CA MET A 5 -14.14 7.79 -1.64
C MET A 5 -13.06 6.73 -1.64
N ASN A 6 -12.12 6.86 -2.56
CA ASN A 6 -10.96 5.98 -2.62
C ASN A 6 -9.75 6.71 -2.09
N SER A 7 -9.06 6.11 -1.13
CA SER A 7 -7.87 6.72 -0.55
C SER A 7 -6.74 6.79 -1.58
N PRO A 8 -6.21 8.01 -1.83
CA PRO A 8 -5.15 8.23 -2.83
C PRO A 8 -3.88 7.49 -2.48
N LEU A 9 -3.77 7.08 -1.21
CA LEU A 9 -2.64 6.29 -0.74
C LEU A 9 -2.53 5.01 -1.55
N ARG A 10 -3.67 4.48 -1.99
CA ARG A 10 -3.70 3.28 -2.82
C ARG A 10 -3.01 3.57 -4.15
N THR A 11 -3.26 4.75 -4.69
CA THR A 11 -2.66 5.17 -5.94
C THR A 11 -1.17 5.41 -5.76
N THR A 12 -0.79 5.80 -4.54
CA THR A 12 0.61 5.95 -4.20
C THR A 12 1.29 4.58 -4.14
N VAL A 13 0.60 3.59 -3.57
CA VAL A 13 1.09 2.21 -3.55
C VAL A 13 1.31 1.73 -4.98
N LEU A 14 0.31 1.96 -5.81
CA LEU A 14 0.35 1.57 -7.21
C LEU A 14 1.61 2.11 -7.90
N ASP A 15 1.97 3.35 -7.57
CA ASP A 15 3.11 4.00 -8.22
C ASP A 15 4.44 3.41 -7.76
N LEU A 16 4.63 3.29 -6.46
CA LEU A 16 5.91 2.80 -5.95
C LEU A 16 6.03 1.28 -6.06
N ALA A 17 4.89 0.60 -6.29
CA ALA A 17 4.90 -0.84 -6.50
C ALA A 17 5.67 -1.19 -7.77
N ARG A 18 5.22 -0.64 -8.90
CA ARG A 18 5.84 -0.91 -10.19
C ARG A 18 7.32 -0.55 -10.19
N THR A 19 7.64 0.58 -9.58
CA THR A 19 9.01 1.07 -9.56
C THR A 19 9.92 0.16 -8.74
N THR A 20 9.45 -0.28 -7.58
CA THR A 20 10.25 -1.15 -6.73
C THR A 20 10.33 -2.57 -7.31
N LEU A 21 9.18 -3.07 -7.76
CA LEU A 21 9.12 -4.43 -8.30
C LEU A 21 9.90 -4.54 -9.61
N GLY A 22 10.00 -3.43 -10.33
CA GLY A 22 10.73 -3.42 -11.58
C GLY A 22 9.81 -3.61 -12.77
N SER A 23 8.52 -3.76 -12.49
CA SER A 23 7.53 -3.99 -13.52
C SER A 23 7.16 -2.68 -14.22
N ALA A 24 6.86 -2.77 -15.51
CA ALA A 24 6.50 -1.59 -16.29
C ALA A 24 5.04 -1.24 -16.07
N ASP A 25 4.14 -2.17 -16.40
CA ASP A 25 2.73 -1.98 -16.14
C ASP A 25 2.30 -2.77 -14.92
N LEU A 26 2.12 -2.07 -13.82
CA LEU A 26 1.58 -2.68 -12.62
C LEU A 26 0.15 -2.20 -12.43
N THR A 27 -0.80 -3.11 -12.52
CA THR A 27 -2.20 -2.78 -12.34
C THR A 27 -2.62 -2.98 -10.90
N ALA A 28 -3.78 -2.45 -10.52
CA ALA A 28 -4.22 -2.46 -9.13
C ALA A 28 -4.19 -3.85 -8.52
N HIS A 29 -4.83 -4.82 -9.17
CA HIS A 29 -4.74 -6.17 -8.66
C HIS A 29 -3.75 -6.99 -9.46
N GLU A 30 -2.50 -6.95 -9.01
CA GLU A 30 -1.46 -7.87 -9.45
C GLU A 30 -0.82 -8.52 -8.24
N PRO A 31 -0.59 -9.83 -8.29
CA PRO A 31 0.16 -10.52 -7.25
C PRO A 31 1.63 -10.09 -7.26
N LEU A 32 2.01 -9.31 -6.24
CA LEU A 32 3.34 -8.69 -6.21
C LEU A 32 4.47 -9.72 -6.23
N ALA A 33 4.28 -10.83 -5.52
CA ALA A 33 5.32 -11.85 -5.44
C ALA A 33 5.38 -12.70 -6.70
N ASP A 34 4.26 -12.75 -7.41
CA ASP A 34 4.19 -13.52 -8.66
C ASP A 34 4.72 -12.68 -9.82
N ARG A 35 4.56 -11.36 -9.71
CA ARG A 35 5.10 -10.43 -10.69
C ARG A 35 6.57 -10.18 -10.43
N CYS A 36 7.09 -10.75 -9.37
CA CYS A 36 8.45 -10.48 -8.94
C CYS A 36 9.37 -11.67 -9.22
N GLU A 37 10.26 -11.51 -10.18
CA GLU A 37 11.28 -12.51 -10.48
C GLU A 37 12.54 -12.22 -9.67
N HIS A 38 12.44 -11.20 -8.83
CA HIS A 38 13.56 -10.73 -8.01
C HIS A 38 13.13 -10.56 -6.55
N PRO A 39 12.44 -11.57 -5.96
CA PRO A 39 11.73 -11.46 -4.65
C PRO A 39 12.46 -10.70 -3.54
N ALA A 40 13.78 -10.60 -3.63
CA ALA A 40 14.57 -9.85 -2.65
C ALA A 40 14.05 -8.41 -2.49
N LEU A 41 13.60 -7.81 -3.59
CA LEU A 41 13.15 -6.42 -3.57
C LEU A 41 11.74 -6.27 -3.00
N LEU A 42 11.06 -7.38 -2.74
CA LEU A 42 9.72 -7.35 -2.16
C LEU A 42 9.75 -6.68 -0.80
N ASP A 43 10.75 -7.03 0.01
CA ASP A 43 10.91 -6.42 1.32
C ASP A 43 11.40 -4.98 1.20
N ASP A 44 12.03 -4.68 0.07
CA ASP A 44 12.46 -3.30 -0.19
C ASP A 44 11.24 -2.42 -0.38
N LEU A 45 10.25 -2.93 -1.12
CA LEU A 45 8.97 -2.25 -1.25
C LEU A 45 8.37 -2.00 0.12
N ALA A 46 8.42 -3.02 0.98
CA ALA A 46 7.94 -2.92 2.35
C ALA A 46 8.70 -1.83 3.11
N THR A 47 10.01 -1.80 2.92
CA THR A 47 10.86 -0.78 3.53
C THR A 47 10.44 0.61 3.07
N THR A 48 10.16 0.73 1.78
CA THR A 48 9.69 1.98 1.19
C THR A 48 8.39 2.45 1.84
N LEU A 49 7.55 1.50 2.26
CA LEU A 49 6.23 1.81 2.77
C LEU A 49 6.29 2.53 4.13
N THR A 50 7.48 2.58 4.73
CA THR A 50 7.66 3.28 5.99
C THR A 50 7.61 4.80 5.79
N ALA A 51 8.50 5.30 4.94
CA ALA A 51 8.66 6.73 4.72
C ALA A 51 7.46 7.34 4.03
N VAL A 52 6.66 6.50 3.41
CA VAL A 52 5.55 6.98 2.61
C VAL A 52 4.22 7.01 3.40
N PHE A 53 3.90 5.94 4.11
CA PHE A 53 2.60 5.87 4.76
C PHE A 53 2.72 5.79 6.28
N ALA A 54 3.94 5.58 6.76
CA ALA A 54 4.21 5.34 8.18
C ALA A 54 3.61 4.02 8.63
N VAL A 55 3.13 3.24 7.66
CA VAL A 55 2.60 1.91 7.90
C VAL A 55 3.42 0.92 7.11
N GLU A 56 4.22 0.13 7.81
CA GLU A 56 5.10 -0.81 7.15
C GLU A 56 4.51 -2.21 7.22
N ILE A 57 4.44 -2.84 6.06
CA ILE A 57 3.95 -4.20 5.95
C ILE A 57 5.07 -5.11 5.50
N THR A 58 5.63 -5.85 6.45
CA THR A 58 6.85 -6.60 6.23
C THR A 58 6.70 -7.69 5.18
N GLY A 59 7.84 -8.18 4.68
CA GLY A 59 7.86 -9.11 3.55
C GLY A 59 6.90 -10.27 3.69
N ALA A 60 6.88 -10.90 4.85
CA ALA A 60 6.04 -12.09 5.08
C ALA A 60 4.55 -11.78 4.87
N ASP A 61 4.14 -10.57 5.23
CA ASP A 61 2.74 -10.19 5.12
C ASP A 61 2.45 -9.61 3.74
N LEU A 62 3.42 -8.87 3.21
CA LEU A 62 3.28 -8.22 1.90
C LEU A 62 3.35 -9.25 0.77
N ALA A 63 4.35 -10.12 0.83
CA ALA A 63 4.55 -11.12 -0.20
C ALA A 63 3.67 -12.35 0.05
N ALA A 64 2.64 -12.17 0.87
CA ALA A 64 1.66 -13.21 1.10
C ALA A 64 0.62 -13.21 -0.01
N GLY A 65 0.69 -12.20 -0.86
CA GLY A 65 -0.21 -12.11 -1.99
C GLY A 65 -1.06 -10.85 -1.94
N ALA A 66 -0.46 -9.75 -1.51
CA ALA A 66 -1.18 -8.50 -1.41
C ALA A 66 -1.04 -7.68 -2.68
N THR A 67 -2.15 -7.21 -3.21
CA THR A 67 -2.15 -6.34 -4.37
C THR A 67 -2.12 -4.89 -3.91
N VAL A 68 -2.02 -3.92 -4.81
CA VAL A 68 -1.96 -2.52 -4.41
C VAL A 68 -3.24 -2.14 -3.64
N ALA A 69 -4.33 -2.81 -3.98
CA ALA A 69 -5.61 -2.56 -3.35
C ALA A 69 -5.70 -3.27 -2.01
N ASP A 70 -4.92 -4.33 -1.86
CA ASP A 70 -4.91 -5.11 -0.63
C ASP A 70 -3.93 -4.52 0.37
N VAL A 71 -2.72 -4.22 -0.09
CA VAL A 71 -1.72 -3.54 0.74
C VAL A 71 -2.30 -2.24 1.30
N ALA A 72 -2.91 -1.46 0.42
CA ALA A 72 -3.44 -0.14 0.77
C ALA A 72 -4.57 -0.22 1.78
N ALA A 73 -5.07 -1.42 2.05
CA ALA A 73 -6.11 -1.59 3.05
C ALA A 73 -5.56 -1.30 4.44
N ARG A 74 -4.28 -1.57 4.63
CA ARG A 74 -3.61 -1.30 5.89
C ARG A 74 -3.25 0.19 5.98
N MET A 75 -3.06 0.80 4.82
CA MET A 75 -2.80 2.23 4.74
C MET A 75 -4.11 3.01 4.85
N ASP A 76 -5.19 2.37 4.45
CA ASP A 76 -6.53 2.96 4.54
C ASP A 76 -6.97 3.02 6.00
N ASP A 77 -6.27 2.26 6.84
CA ASP A 77 -6.48 2.25 8.29
C ASP A 77 -6.25 3.63 8.88
N ARG A 78 -5.51 4.47 8.16
CA ARG A 78 -5.21 5.82 8.63
C ARG A 78 -6.48 6.66 8.73
N ARG A 79 -7.51 6.32 7.97
CA ARG A 79 -8.78 7.02 8.04
C ARG A 79 -9.64 6.45 9.16
N ASP A 80 -9.33 5.23 9.53
CA ASP A 80 -10.01 4.54 10.62
C ASP A 80 -9.34 4.92 11.94
N ALA A 81 -8.24 5.62 11.79
CA ALA A 81 -7.54 6.25 12.91
C ALA A 81 -8.03 7.71 13.01
N PRO A 82 -7.38 8.62 13.79
CA PRO A 82 -7.77 10.03 13.82
C PRO A 82 -8.14 10.57 12.44
N ARG A 83 -9.34 11.13 12.34
CA ARG A 83 -9.93 11.53 11.08
C ARG A 83 -9.00 12.40 10.25
N ILE A 84 -8.63 11.90 9.08
CA ILE A 84 -7.74 12.61 8.18
C ILE A 84 -8.39 13.88 7.65
N PRO A 85 -7.76 15.04 7.89
CA PRO A 85 -8.31 16.38 7.59
C PRO A 85 -9.09 16.47 6.29
N GLU A 86 -8.56 15.87 5.23
CA GLU A 86 -9.18 15.96 3.92
C GLU A 86 -9.50 14.58 3.35
N LEU A 87 -9.76 13.62 4.24
CA LEU A 87 -10.04 12.25 3.82
C LEU A 87 -10.74 11.49 4.93
N ARG A 88 -11.68 12.14 5.60
CA ARG A 88 -12.36 11.53 6.74
C ARG A 88 -13.82 11.23 6.43
N ALA A 89 -14.19 11.31 5.17
CA ALA A 89 -15.57 11.11 4.76
C ALA A 89 -16.00 9.65 4.88
N GLY A 90 -15.01 8.75 4.98
CA GLY A 90 -15.31 7.34 5.05
C GLY A 90 -15.81 6.89 6.42
N LEU A 91 -14.89 6.57 7.31
CA LEU A 91 -15.25 6.04 8.61
C LEU A 91 -14.71 6.91 9.73
N ALA A 92 -15.36 6.84 10.88
CA ALA A 92 -14.91 7.54 12.07
C ALA A 92 -14.21 6.57 13.02
N PRO A 93 -13.05 6.95 13.56
CA PRO A 93 -12.27 6.11 14.49
C PRO A 93 -13.09 5.73 15.72
N ARG A 94 -12.99 4.46 16.10
CA ARG A 94 -13.80 3.91 17.18
C ARG A 94 -13.36 4.47 18.52
N ASP A 95 -12.10 4.87 18.62
CA ASP A 95 -11.55 5.35 19.87
C ASP A 95 -10.78 6.66 19.66
N GLY A 1 -19.55 3.02 -0.02
CA GLY A 1 -18.70 1.86 0.32
C GLY A 1 -17.79 2.14 1.49
N PRO A 2 -17.15 1.11 2.07
CA PRO A 2 -16.29 1.26 3.25
C PRO A 2 -14.88 1.73 2.89
N MET A 3 -14.69 2.14 1.64
CA MET A 3 -13.40 2.60 1.18
C MET A 3 -13.59 3.62 0.06
N LEU A 4 -12.52 4.34 -0.26
CA LEU A 4 -12.53 5.25 -1.39
C LEU A 4 -12.37 4.44 -2.67
N MET A 5 -13.29 4.65 -3.61
CA MET A 5 -13.21 3.98 -4.89
C MET A 5 -11.98 4.43 -5.64
N ASN A 6 -11.69 5.72 -5.54
CA ASN A 6 -10.43 6.26 -5.99
C ASN A 6 -9.63 6.72 -4.79
N SER A 7 -8.72 5.88 -4.32
CA SER A 7 -7.94 6.18 -3.15
C SER A 7 -6.54 6.68 -3.54
N PRO A 8 -6.18 7.88 -3.06
CA PRO A 8 -4.91 8.53 -3.39
C PRO A 8 -3.71 7.76 -2.89
N LEU A 9 -3.82 7.20 -1.68
CA LEU A 9 -2.72 6.46 -1.10
C LEU A 9 -2.55 5.12 -1.81
N ARG A 10 -3.64 4.60 -2.37
CA ARG A 10 -3.56 3.39 -3.18
C ARG A 10 -2.78 3.68 -4.45
N THR A 11 -3.00 4.86 -5.02
CA THR A 11 -2.26 5.30 -6.19
C THR A 11 -0.77 5.40 -5.86
N THR A 12 -0.48 5.86 -4.64
CA THR A 12 0.89 5.93 -4.16
C THR A 12 1.52 4.55 -4.08
N VAL A 13 0.77 3.59 -3.53
CA VAL A 13 1.22 2.20 -3.47
C VAL A 13 1.52 1.69 -4.87
N LEU A 14 0.54 1.87 -5.75
CA LEU A 14 0.64 1.41 -7.14
C LEU A 14 1.84 2.05 -7.85
N ASP A 15 2.26 3.20 -7.37
CA ASP A 15 3.38 3.92 -7.97
C ASP A 15 4.71 3.33 -7.52
N LEU A 16 4.92 3.23 -6.22
CA LEU A 16 6.19 2.72 -5.71
C LEU A 16 6.28 1.19 -5.85
N ALA A 17 5.15 0.52 -5.94
CA ALA A 17 5.15 -0.93 -6.16
C ALA A 17 5.69 -1.25 -7.54
N ARG A 18 5.12 -0.62 -8.56
CA ARG A 18 5.53 -0.87 -9.94
C ARG A 18 7.01 -0.54 -10.13
N THR A 19 7.48 0.45 -9.37
CA THR A 19 8.85 0.89 -9.44
C THR A 19 9.80 -0.12 -8.78
N THR A 20 9.36 -0.69 -7.66
CA THR A 20 10.19 -1.63 -6.92
C THR A 20 10.13 -3.03 -7.53
N LEU A 21 8.93 -3.49 -7.83
CA LEU A 21 8.75 -4.84 -8.39
C LEU A 21 9.35 -4.95 -9.77
N GLY A 22 9.36 -3.84 -10.50
CA GLY A 22 9.94 -3.83 -11.82
C GLY A 22 8.90 -3.91 -12.91
N SER A 23 7.66 -4.17 -12.51
CA SER A 23 6.55 -4.21 -13.44
C SER A 23 6.07 -2.80 -13.71
N ALA A 24 6.50 -2.25 -14.84
CA ALA A 24 6.20 -0.86 -15.19
C ALA A 24 4.70 -0.58 -15.18
N ASP A 25 3.92 -1.53 -15.66
CA ASP A 25 2.48 -1.39 -15.61
C ASP A 25 1.87 -2.39 -14.63
N LEU A 26 1.50 -1.89 -13.48
CA LEU A 26 0.67 -2.60 -12.54
C LEU A 26 -0.73 -2.01 -12.59
N THR A 27 -1.76 -2.86 -12.59
CA THR A 27 -3.13 -2.39 -12.63
C THR A 27 -3.62 -2.05 -11.22
N ALA A 28 -3.81 -3.07 -10.40
CA ALA A 28 -4.16 -2.89 -8.99
C ALA A 28 -4.01 -4.21 -8.25
N HIS A 29 -4.89 -5.16 -8.53
CA HIS A 29 -4.70 -6.48 -7.96
C HIS A 29 -3.67 -7.22 -8.80
N GLU A 30 -2.43 -7.06 -8.40
CA GLU A 30 -1.30 -7.70 -9.04
C GLU A 30 -0.52 -8.47 -7.99
N PRO A 31 -0.43 -9.79 -8.10
CA PRO A 31 0.41 -10.57 -7.19
C PRO A 31 1.86 -10.17 -7.37
N LEU A 32 2.40 -9.45 -6.40
CA LEU A 32 3.72 -8.86 -6.50
C LEU A 32 4.79 -9.94 -6.55
N ALA A 33 4.54 -11.04 -5.85
CA ALA A 33 5.48 -12.16 -5.81
C ALA A 33 5.45 -12.95 -7.12
N ASP A 34 4.44 -12.70 -7.94
CA ASP A 34 4.31 -13.39 -9.21
C ASP A 34 4.74 -12.49 -10.36
N ARG A 35 4.41 -11.20 -10.25
CA ARG A 35 4.75 -10.23 -11.27
C ARG A 35 6.26 -10.02 -11.35
N CYS A 36 6.95 -10.15 -10.24
CA CYS A 36 8.38 -9.94 -10.21
C CYS A 36 9.13 -11.26 -10.18
N GLU A 37 10.21 -11.34 -10.95
CA GLU A 37 11.06 -12.53 -10.99
C GLU A 37 12.16 -12.40 -9.94
N HIS A 38 12.14 -11.29 -9.21
CA HIS A 38 13.19 -10.99 -8.23
C HIS A 38 12.58 -10.65 -6.86
N PRO A 39 11.60 -11.45 -6.37
CA PRO A 39 10.76 -11.10 -5.20
C PRO A 39 11.53 -10.61 -3.96
N ALA A 40 12.83 -10.87 -3.90
CA ALA A 40 13.67 -10.38 -2.81
C ALA A 40 13.52 -8.86 -2.62
N LEU A 41 13.25 -8.14 -3.71
CA LEU A 41 13.11 -6.69 -3.66
C LEU A 41 11.82 -6.25 -2.97
N LEU A 42 10.95 -7.21 -2.68
CA LEU A 42 9.71 -6.93 -1.97
C LEU A 42 9.99 -6.39 -0.57
N ASP A 43 11.11 -6.81 -0.01
CA ASP A 43 11.52 -6.32 1.31
C ASP A 43 11.90 -4.86 1.24
N ASP A 44 12.46 -4.45 0.11
CA ASP A 44 12.81 -3.05 -0.12
C ASP A 44 11.53 -2.23 -0.20
N LEU A 45 10.52 -2.79 -0.86
CA LEU A 45 9.22 -2.16 -0.95
C LEU A 45 8.61 -2.02 0.44
N ALA A 46 8.63 -3.10 1.19
CA ALA A 46 8.10 -3.10 2.55
C ALA A 46 8.76 -2.04 3.41
N THR A 47 10.08 -1.94 3.32
CA THR A 47 10.85 -0.98 4.08
C THR A 47 10.55 0.44 3.63
N THR A 48 10.23 0.61 2.35
CA THR A 48 9.83 1.90 1.79
C THR A 48 8.50 2.37 2.40
N LEU A 49 7.63 1.41 2.71
CA LEU A 49 6.29 1.72 3.17
C LEU A 49 6.28 2.38 4.55
N THR A 50 7.41 2.37 5.23
CA THR A 50 7.56 3.05 6.51
C THR A 50 7.43 4.56 6.33
N ALA A 51 8.33 5.12 5.54
CA ALA A 51 8.44 6.56 5.36
C ALA A 51 7.20 7.14 4.70
N VAL A 52 6.61 6.38 3.79
CA VAL A 52 5.52 6.88 2.97
C VAL A 52 4.17 6.90 3.71
N PHE A 53 3.75 5.77 4.27
CA PHE A 53 2.41 5.68 4.85
C PHE A 53 2.45 5.65 6.36
N ALA A 54 3.65 5.67 6.94
CA ALA A 54 3.84 5.57 8.39
C ALA A 54 3.41 4.19 8.90
N VAL A 55 3.15 3.29 7.97
CA VAL A 55 2.74 1.93 8.30
C VAL A 55 3.58 0.96 7.49
N GLU A 56 4.33 0.11 8.15
CA GLU A 56 5.15 -0.84 7.43
C GLU A 56 4.57 -2.23 7.48
N ILE A 57 4.44 -2.84 6.33
CA ILE A 57 4.04 -4.23 6.24
C ILE A 57 5.27 -5.07 5.90
N THR A 58 5.69 -5.88 6.86
CA THR A 58 6.95 -6.61 6.74
C THR A 58 6.97 -7.53 5.53
N GLY A 59 8.18 -7.79 5.03
CA GLY A 59 8.36 -8.49 3.77
C GLY A 59 7.55 -9.78 3.64
N ALA A 60 7.63 -10.64 4.66
CA ALA A 60 6.98 -11.95 4.60
C ALA A 60 5.46 -11.82 4.65
N ASP A 61 4.97 -10.71 5.17
CA ASP A 61 3.53 -10.46 5.24
C ASP A 61 3.05 -9.80 3.96
N LEU A 62 3.89 -8.91 3.42
CA LEU A 62 3.60 -8.24 2.16
C LEU A 62 3.64 -9.23 1.00
N ALA A 63 4.67 -10.06 1.00
CA ALA A 63 4.85 -11.05 -0.05
C ALA A 63 3.99 -12.29 0.21
N ALA A 64 3.12 -12.21 1.20
CA ALA A 64 2.20 -13.29 1.50
C ALA A 64 1.02 -13.27 0.53
N GLY A 65 0.88 -12.16 -0.18
CA GLY A 65 -0.17 -12.04 -1.17
C GLY A 65 -0.96 -10.75 -1.04
N ALA A 66 -0.25 -9.65 -0.91
CA ALA A 66 -0.90 -8.35 -0.80
C ALA A 66 -0.66 -7.54 -2.07
N THR A 67 -1.72 -7.34 -2.83
CA THR A 67 -1.64 -6.54 -4.04
C THR A 67 -1.67 -5.06 -3.68
N VAL A 68 -1.56 -4.17 -4.68
CA VAL A 68 -1.53 -2.74 -4.40
C VAL A 68 -2.79 -2.32 -3.63
N ALA A 69 -3.89 -2.99 -3.92
CA ALA A 69 -5.17 -2.69 -3.27
C ALA A 69 -5.25 -3.34 -1.90
N ASP A 70 -4.44 -4.37 -1.69
CA ASP A 70 -4.47 -5.11 -0.42
C ASP A 70 -3.55 -4.44 0.59
N VAL A 71 -2.37 -4.04 0.13
CA VAL A 71 -1.46 -3.25 0.96
C VAL A 71 -2.14 -1.94 1.35
N ALA A 72 -2.79 -1.31 0.38
CA ALA A 72 -3.48 -0.04 0.61
C ALA A 72 -4.73 -0.23 1.45
N ALA A 73 -5.30 -1.42 1.44
CA ALA A 73 -6.54 -1.68 2.18
C ALA A 73 -6.36 -1.43 3.67
N ARG A 74 -5.14 -1.60 4.15
CA ARG A 74 -4.85 -1.40 5.56
C ARG A 74 -4.23 -0.03 5.81
N MET A 75 -3.54 0.50 4.82
CA MET A 75 -2.83 1.78 4.98
C MET A 75 -3.70 2.97 4.61
N ASP A 76 -4.32 2.90 3.44
CA ASP A 76 -5.14 4.00 2.92
C ASP A 76 -6.28 4.32 3.87
N ASP A 77 -6.88 3.26 4.41
CA ASP A 77 -7.99 3.40 5.36
C ASP A 77 -7.55 4.16 6.61
N ARG A 78 -6.35 3.85 7.09
CA ARG A 78 -5.83 4.44 8.31
C ARG A 78 -5.64 5.95 8.17
N ARG A 79 -4.99 6.36 7.10
CA ARG A 79 -4.66 7.76 6.93
C ARG A 79 -5.71 8.48 6.09
N ASP A 80 -6.80 7.78 5.81
CA ASP A 80 -7.95 8.41 5.16
C ASP A 80 -8.61 9.40 6.12
N ALA A 81 -8.53 9.09 7.40
CA ALA A 81 -8.98 10.00 8.43
C ALA A 81 -8.15 11.27 8.37
N PRO A 82 -8.81 12.43 8.32
CA PRO A 82 -8.14 13.72 8.13
C PRO A 82 -7.04 13.96 9.18
N ARG A 83 -5.82 14.11 8.71
CA ARG A 83 -4.67 14.34 9.58
C ARG A 83 -4.88 15.61 10.38
N ILE A 84 -4.65 15.51 11.68
CA ILE A 84 -4.95 16.60 12.61
C ILE A 84 -3.82 17.63 12.61
N PRO A 85 -4.16 18.92 12.36
CA PRO A 85 -3.19 20.02 12.41
C PRO A 85 -2.56 20.18 13.79
N GLU A 86 -3.29 19.72 14.80
CA GLU A 86 -2.79 19.69 16.17
C GLU A 86 -2.21 18.30 16.44
N LEU A 87 -1.10 18.01 15.77
CA LEU A 87 -0.44 16.70 15.81
C LEU A 87 -1.23 15.68 15.00
N ARG A 88 -0.63 15.21 13.92
CA ARG A 88 -1.31 14.34 12.96
C ARG A 88 -1.39 12.91 13.46
N ALA A 89 -1.19 12.73 14.76
CA ALA A 89 -1.30 11.42 15.40
C ALA A 89 -2.70 10.83 15.22
N GLY A 90 -3.66 11.69 14.89
CA GLY A 90 -5.01 11.25 14.62
C GLY A 90 -5.05 10.19 13.53
N LEU A 91 -5.54 9.01 13.90
CA LEU A 91 -5.57 7.88 13.00
C LEU A 91 -6.98 7.29 12.98
N ALA A 92 -7.41 6.81 11.81
CA ALA A 92 -8.76 6.28 11.64
C ALA A 92 -9.10 5.25 12.71
N PRO A 93 -10.26 5.42 13.37
CA PRO A 93 -10.71 4.51 14.42
C PRO A 93 -11.01 3.12 13.87
N ARG A 94 -10.29 2.13 14.37
CA ARG A 94 -10.51 0.75 13.96
C ARG A 94 -11.57 0.14 14.87
N ASP A 95 -11.70 0.71 16.06
CA ASP A 95 -12.64 0.21 17.04
C ASP A 95 -13.93 1.02 16.99
N GLY A 1 -22.60 3.94 -3.59
CA GLY A 1 -22.22 4.12 -2.17
C GLY A 1 -21.89 5.57 -1.86
N PRO A 2 -21.60 5.88 -0.59
CA PRO A 2 -21.30 7.25 -0.16
C PRO A 2 -19.82 7.63 -0.31
N MET A 3 -19.03 6.73 -0.88
CA MET A 3 -17.60 6.97 -1.04
C MET A 3 -17.17 6.79 -2.48
N LEU A 4 -16.01 7.35 -2.81
CA LEU A 4 -15.46 7.26 -4.16
C LEU A 4 -14.45 6.12 -4.23
N MET A 5 -14.29 5.56 -5.42
CA MET A 5 -13.44 4.37 -5.59
C MET A 5 -11.98 4.73 -5.82
N ASN A 6 -11.59 5.93 -5.42
CA ASN A 6 -10.21 6.35 -5.52
C ASN A 6 -9.57 6.46 -4.14
N SER A 7 -8.54 5.67 -3.93
CA SER A 7 -7.80 5.72 -2.69
C SER A 7 -6.52 6.51 -2.89
N PRO A 8 -6.33 7.58 -2.09
CA PRO A 8 -5.17 8.48 -2.21
C PRO A 8 -3.87 7.76 -1.88
N LEU A 9 -3.99 6.75 -1.02
CA LEU A 9 -2.86 5.95 -0.62
C LEU A 9 -2.52 4.95 -1.72
N ARG A 10 -3.56 4.33 -2.28
CA ARG A 10 -3.40 3.38 -3.37
C ARG A 10 -2.70 4.03 -4.56
N THR A 11 -3.01 5.31 -4.78
CA THR A 11 -2.42 6.07 -5.88
C THR A 11 -0.91 6.06 -5.82
N THR A 12 -0.36 6.09 -4.62
CA THR A 12 1.08 6.11 -4.42
C THR A 12 1.67 4.70 -4.50
N VAL A 13 0.89 3.71 -4.06
CA VAL A 13 1.35 2.32 -4.04
C VAL A 13 1.71 1.85 -5.45
N LEU A 14 0.83 2.14 -6.41
CA LEU A 14 1.04 1.73 -7.79
C LEU A 14 2.40 2.17 -8.31
N ASP A 15 2.81 3.39 -7.96
CA ASP A 15 4.04 3.95 -8.48
C ASP A 15 5.27 3.29 -7.85
N LEU A 16 5.34 3.25 -6.53
CA LEU A 16 6.52 2.72 -5.86
C LEU A 16 6.61 1.21 -5.99
N ALA A 17 5.48 0.52 -6.10
CA ALA A 17 5.48 -0.94 -6.23
C ALA A 17 6.10 -1.34 -7.56
N ARG A 18 5.64 -0.71 -8.65
CA ARG A 18 6.16 -1.04 -9.97
C ARG A 18 7.62 -0.64 -10.10
N THR A 19 8.02 0.37 -9.33
CA THR A 19 9.40 0.84 -9.34
C THR A 19 10.31 -0.14 -8.61
N THR A 20 9.94 -0.50 -7.40
CA THR A 20 10.75 -1.38 -6.58
C THR A 20 10.83 -2.79 -7.17
N LEU A 21 9.70 -3.34 -7.59
CA LEU A 21 9.64 -4.72 -8.06
C LEU A 21 10.11 -4.86 -9.51
N GLY A 22 10.37 -3.73 -10.16
CA GLY A 22 10.84 -3.76 -11.53
C GLY A 22 9.74 -4.14 -12.51
N SER A 23 8.56 -3.57 -12.31
CA SER A 23 7.42 -3.89 -13.16
C SER A 23 7.10 -2.71 -14.07
N ALA A 24 6.40 -2.99 -15.16
CA ALA A 24 6.01 -1.96 -16.10
C ALA A 24 4.63 -1.41 -15.75
N ASP A 25 3.60 -2.19 -16.01
CA ASP A 25 2.23 -1.78 -15.69
C ASP A 25 1.66 -2.64 -14.58
N LEU A 26 1.50 -2.04 -13.41
CA LEU A 26 0.81 -2.68 -12.32
C LEU A 26 -0.61 -2.15 -12.21
N THR A 27 -1.57 -3.05 -12.06
CA THR A 27 -2.95 -2.67 -11.81
C THR A 27 -3.27 -2.88 -10.33
N ALA A 28 -4.49 -2.59 -9.92
CA ALA A 28 -4.83 -2.64 -8.49
C ALA A 28 -4.77 -4.06 -7.94
N HIS A 29 -5.16 -5.04 -8.73
CA HIS A 29 -4.97 -6.42 -8.29
C HIS A 29 -3.84 -7.07 -9.07
N GLU A 30 -2.64 -6.94 -8.54
CA GLU A 30 -1.46 -7.61 -9.06
C GLU A 30 -0.76 -8.38 -7.96
N PRO A 31 -0.57 -9.68 -8.11
CA PRO A 31 0.27 -10.45 -7.19
C PRO A 31 1.73 -10.05 -7.32
N LEU A 32 2.24 -9.34 -6.32
CA LEU A 32 3.58 -8.78 -6.37
C LEU A 32 4.65 -9.86 -6.43
N ALA A 33 4.41 -10.97 -5.76
CA ALA A 33 5.37 -12.07 -5.72
C ALA A 33 5.35 -12.87 -7.02
N ASP A 34 4.34 -12.64 -7.83
CA ASP A 34 4.19 -13.35 -9.10
C ASP A 34 4.69 -12.51 -10.26
N ARG A 35 4.40 -11.20 -10.21
CA ARG A 35 4.79 -10.30 -11.28
C ARG A 35 6.29 -10.04 -11.27
N CYS A 36 6.90 -10.16 -10.11
CA CYS A 36 8.31 -9.86 -9.96
C CYS A 36 9.14 -11.13 -10.07
N GLU A 37 10.15 -11.08 -10.94
CA GLU A 37 11.08 -12.19 -11.09
C GLU A 37 12.26 -11.99 -10.14
N HIS A 38 12.12 -11.00 -9.29
CA HIS A 38 13.16 -10.63 -8.32
C HIS A 38 12.55 -10.48 -6.91
N PRO A 39 11.73 -11.46 -6.46
CA PRO A 39 10.88 -11.34 -5.24
C PRO A 39 11.60 -10.81 -3.99
N ALA A 40 12.93 -10.87 -3.96
CA ALA A 40 13.70 -10.29 -2.86
C ALA A 40 13.46 -8.79 -2.75
N LEU A 41 12.99 -8.19 -3.84
CA LEU A 41 12.71 -6.75 -3.87
C LEU A 41 11.45 -6.41 -3.06
N LEU A 42 10.67 -7.43 -2.72
CA LEU A 42 9.46 -7.22 -1.93
C LEU A 42 9.81 -6.65 -0.56
N ASP A 43 10.97 -7.02 -0.06
CA ASP A 43 11.44 -6.55 1.24
C ASP A 43 11.83 -5.08 1.15
N ASP A 44 12.41 -4.71 0.02
CA ASP A 44 12.81 -3.33 -0.22
C ASP A 44 11.59 -2.43 -0.35
N LEU A 45 10.53 -2.98 -0.94
CA LEU A 45 9.27 -2.27 -1.04
C LEU A 45 8.70 -2.03 0.35
N ALA A 46 8.72 -3.07 1.18
CA ALA A 46 8.26 -2.97 2.56
C ALA A 46 9.02 -1.88 3.30
N THR A 47 10.33 -1.83 3.08
CA THR A 47 11.18 -0.82 3.68
C THR A 47 10.77 0.59 3.22
N THR A 48 10.36 0.72 1.97
CA THR A 48 9.91 1.99 1.43
C THR A 48 8.57 2.40 2.03
N LEU A 49 7.74 1.41 2.38
CA LEU A 49 6.39 1.68 2.87
C LEU A 49 6.39 2.38 4.23
N THR A 50 7.56 2.46 4.85
CA THR A 50 7.72 3.18 6.11
C THR A 50 7.53 4.69 5.91
N ALA A 51 8.40 5.26 5.09
CA ALA A 51 8.48 6.70 4.91
C ALA A 51 7.31 7.25 4.10
N VAL A 52 6.66 6.38 3.35
CA VAL A 52 5.62 6.80 2.43
C VAL A 52 4.23 6.82 3.07
N PHE A 53 3.90 5.79 3.83
CA PHE A 53 2.55 5.68 4.37
C PHE A 53 2.54 5.65 5.89
N ALA A 54 3.74 5.59 6.48
CA ALA A 54 3.90 5.46 7.93
C ALA A 54 3.34 4.12 8.42
N VAL A 55 3.11 3.22 7.48
CA VAL A 55 2.63 1.89 7.79
C VAL A 55 3.51 0.88 7.06
N GLU A 56 4.33 0.18 7.82
CA GLU A 56 5.28 -0.76 7.25
C GLU A 56 4.74 -2.17 7.34
N ILE A 57 4.86 -2.90 6.24
CA ILE A 57 4.42 -4.27 6.18
C ILE A 57 5.56 -5.15 5.68
N THR A 58 6.19 -5.85 6.61
CA THR A 58 7.40 -6.61 6.34
C THR A 58 7.23 -7.60 5.20
N GLY A 59 8.34 -7.92 4.52
CA GLY A 59 8.32 -8.73 3.32
C GLY A 59 7.46 -9.97 3.43
N ALA A 60 7.60 -10.70 4.55
CA ALA A 60 6.86 -11.94 4.76
C ALA A 60 5.35 -11.71 4.73
N ASP A 61 4.91 -10.58 5.26
CA ASP A 61 3.49 -10.28 5.35
C ASP A 61 3.01 -9.61 4.06
N LEU A 62 3.91 -8.89 3.42
CA LEU A 62 3.61 -8.22 2.16
C LEU A 62 3.53 -9.23 1.01
N ALA A 63 4.48 -10.16 0.99
CA ALA A 63 4.55 -11.17 -0.05
C ALA A 63 3.56 -12.30 0.22
N ALA A 64 2.75 -12.14 1.25
CA ALA A 64 1.74 -13.13 1.59
C ALA A 64 0.63 -13.17 0.54
N GLY A 65 0.54 -12.10 -0.24
CA GLY A 65 -0.47 -12.02 -1.28
C GLY A 65 -1.23 -10.72 -1.22
N ALA A 66 -0.52 -9.64 -0.95
CA ALA A 66 -1.14 -8.34 -0.84
C ALA A 66 -0.92 -7.54 -2.12
N THR A 67 -1.99 -7.26 -2.82
CA THR A 67 -1.92 -6.46 -4.04
C THR A 67 -1.78 -4.99 -3.67
N VAL A 68 -1.55 -4.12 -4.64
CA VAL A 68 -1.38 -2.70 -4.39
C VAL A 68 -2.59 -2.13 -3.63
N ALA A 69 -3.77 -2.67 -3.91
CA ALA A 69 -4.98 -2.25 -3.24
C ALA A 69 -5.11 -2.92 -1.86
N ASP A 70 -4.59 -4.14 -1.76
CA ASP A 70 -4.68 -4.91 -0.53
C ASP A 70 -3.72 -4.36 0.53
N VAL A 71 -2.49 -4.05 0.12
CA VAL A 71 -1.52 -3.43 1.04
C VAL A 71 -2.10 -2.12 1.59
N ALA A 72 -2.78 -1.38 0.73
CA ALA A 72 -3.34 -0.09 1.09
C ALA A 72 -4.62 -0.26 1.90
N ALA A 73 -5.15 -1.48 1.98
CA ALA A 73 -6.38 -1.74 2.70
C ALA A 73 -6.24 -1.46 4.19
N ARG A 74 -5.05 -1.71 4.72
CA ARG A 74 -4.78 -1.45 6.13
C ARG A 74 -4.38 0.01 6.33
N MET A 75 -3.99 0.65 5.24
CA MET A 75 -3.50 2.04 5.29
C MET A 75 -4.64 3.02 5.08
N ASP A 76 -5.43 2.80 4.05
CA ASP A 76 -6.54 3.68 3.71
C ASP A 76 -7.62 3.63 4.79
N ASP A 77 -7.67 2.51 5.50
CA ASP A 77 -8.67 2.29 6.54
C ASP A 77 -8.62 3.39 7.60
N ARG A 78 -7.43 3.98 7.76
CA ARG A 78 -7.23 5.05 8.73
C ARG A 78 -8.14 6.24 8.40
N ARG A 79 -8.29 6.51 7.11
CA ARG A 79 -9.14 7.60 6.65
C ARG A 79 -10.47 7.07 6.13
N ASP A 80 -10.68 5.76 6.26
CA ASP A 80 -11.89 5.11 5.76
C ASP A 80 -13.05 5.32 6.72
N ALA A 81 -12.73 5.26 8.02
CA ALA A 81 -13.73 5.48 9.06
C ALA A 81 -14.30 6.89 8.95
N PRO A 82 -15.51 7.14 9.49
CA PRO A 82 -16.18 8.44 9.41
C PRO A 82 -15.26 9.60 9.75
N ARG A 83 -15.07 10.48 8.77
CA ARG A 83 -14.17 11.61 8.92
C ARG A 83 -14.74 12.67 9.86
N ILE A 84 -13.92 13.07 10.82
CA ILE A 84 -14.28 14.07 11.80
C ILE A 84 -14.53 15.43 11.12
N PRO A 85 -15.72 16.01 11.31
CA PRO A 85 -16.06 17.33 10.77
C PRO A 85 -15.17 18.43 11.34
N GLU A 86 -14.69 18.20 12.55
CA GLU A 86 -13.82 19.14 13.23
C GLU A 86 -12.39 18.62 13.25
N LEU A 87 -11.74 18.73 12.09
CA LEU A 87 -10.35 18.31 11.89
C LEU A 87 -10.21 16.79 11.96
N ARG A 88 -10.18 16.17 10.79
CA ARG A 88 -10.05 14.72 10.69
C ARG A 88 -8.64 14.33 10.27
N ALA A 89 -7.72 15.28 10.39
CA ALA A 89 -6.34 15.08 10.00
C ALA A 89 -5.65 14.03 10.88
N GLY A 90 -6.05 13.98 12.15
CA GLY A 90 -5.46 13.03 13.07
C GLY A 90 -5.76 11.59 12.70
N LEU A 91 -6.98 11.16 12.96
CA LEU A 91 -7.39 9.81 12.66
C LEU A 91 -8.91 9.69 12.70
N ALA A 92 -9.47 8.85 11.85
CA ALA A 92 -10.90 8.65 11.83
C ALA A 92 -11.29 7.47 12.73
N PRO A 93 -12.35 7.63 13.52
CA PRO A 93 -12.77 6.64 14.50
C PRO A 93 -13.54 5.49 13.87
N ARG A 94 -13.09 4.27 14.12
CA ARG A 94 -13.69 3.08 13.55
C ARG A 94 -15.01 2.78 14.24
N ASP A 95 -15.09 3.14 15.52
CA ASP A 95 -16.27 2.87 16.32
C ASP A 95 -16.30 3.83 17.50
N GLY A 1 -13.74 12.61 -14.90
CA GLY A 1 -14.01 14.01 -14.53
C GLY A 1 -12.88 14.61 -13.71
N PRO A 2 -13.07 15.80 -13.13
CA PRO A 2 -12.04 16.46 -12.33
C PRO A 2 -11.89 15.84 -10.94
N MET A 3 -12.97 15.24 -10.46
CA MET A 3 -12.98 14.60 -9.15
C MET A 3 -12.58 13.14 -9.29
N LEU A 4 -11.30 12.86 -9.08
CA LEU A 4 -10.79 11.50 -9.19
C LEU A 4 -11.31 10.65 -8.03
N MET A 5 -11.97 9.56 -8.37
CA MET A 5 -12.47 8.62 -7.37
C MET A 5 -11.37 7.62 -7.03
N ASN A 6 -10.14 8.11 -7.04
CA ASN A 6 -8.97 7.28 -6.81
C ASN A 6 -8.34 7.64 -5.47
N SER A 7 -8.34 6.69 -4.55
CA SER A 7 -7.68 6.87 -3.27
C SER A 7 -6.19 7.16 -3.50
N PRO A 8 -5.74 8.37 -3.08
CA PRO A 8 -4.38 8.84 -3.34
C PRO A 8 -3.33 7.91 -2.75
N LEU A 9 -3.64 7.34 -1.59
CA LEU A 9 -2.72 6.42 -0.94
C LEU A 9 -2.60 5.14 -1.75
N ARG A 10 -3.72 4.67 -2.30
CA ARG A 10 -3.72 3.47 -3.11
C ARG A 10 -3.01 3.73 -4.43
N THR A 11 -3.23 4.91 -4.99
CA THR A 11 -2.56 5.33 -6.21
C THR A 11 -1.04 5.41 -5.99
N THR A 12 -0.64 5.78 -4.78
CA THR A 12 0.77 5.84 -4.43
C THR A 12 1.37 4.43 -4.45
N VAL A 13 0.68 3.48 -3.83
CA VAL A 13 1.12 2.09 -3.86
C VAL A 13 1.18 1.59 -5.29
N LEU A 14 0.14 1.93 -6.05
CA LEU A 14 0.03 1.56 -7.45
C LEU A 14 1.25 2.08 -8.25
N ASP A 15 1.77 3.22 -7.85
CA ASP A 15 2.87 3.84 -8.54
C ASP A 15 4.20 3.21 -8.14
N LEU A 16 4.48 3.14 -6.85
CA LEU A 16 5.76 2.63 -6.37
C LEU A 16 5.89 1.11 -6.53
N ALA A 17 4.75 0.43 -6.72
CA ALA A 17 4.77 -1.01 -6.91
C ALA A 17 5.58 -1.39 -8.14
N ARG A 18 5.28 -0.76 -9.28
CA ARG A 18 5.98 -1.06 -10.51
C ARG A 18 7.45 -0.66 -10.42
N THR A 19 7.72 0.39 -9.65
CA THR A 19 9.07 0.91 -9.50
C THR A 19 9.95 -0.09 -8.74
N THR A 20 9.50 -0.50 -7.56
CA THR A 20 10.29 -1.38 -6.72
C THR A 20 10.32 -2.81 -7.28
N LEU A 21 9.16 -3.30 -7.72
CA LEU A 21 9.06 -4.68 -8.21
C LEU A 21 9.85 -4.86 -9.52
N GLY A 22 9.93 -3.79 -10.31
CA GLY A 22 10.63 -3.86 -11.57
C GLY A 22 9.72 -4.21 -12.73
N SER A 23 8.43 -4.24 -12.45
CA SER A 23 7.45 -4.58 -13.47
C SER A 23 7.15 -3.37 -14.35
N ALA A 24 6.74 -3.62 -15.58
CA ALA A 24 6.44 -2.53 -16.50
C ALA A 24 5.09 -1.90 -16.17
N ASP A 25 4.02 -2.65 -16.40
CA ASP A 25 2.69 -2.15 -16.09
C ASP A 25 2.11 -2.92 -14.91
N LEU A 26 2.06 -2.24 -13.77
CA LEU A 26 1.52 -2.81 -12.56
C LEU A 26 0.13 -2.26 -12.32
N THR A 27 -0.88 -3.12 -12.36
CA THR A 27 -2.26 -2.67 -12.19
C THR A 27 -2.69 -2.81 -10.72
N ALA A 28 -3.93 -2.42 -10.41
CA ALA A 28 -4.39 -2.42 -9.03
C ALA A 28 -4.32 -3.82 -8.42
N HIS A 29 -4.81 -4.82 -9.14
CA HIS A 29 -4.71 -6.17 -8.65
C HIS A 29 -3.63 -6.93 -9.42
N GLU A 30 -2.42 -6.87 -8.90
CA GLU A 30 -1.33 -7.70 -9.36
C GLU A 30 -0.72 -8.44 -8.18
N PRO A 31 -0.61 -9.77 -8.25
CA PRO A 31 0.14 -10.53 -7.26
C PRO A 31 1.62 -10.13 -7.30
N LEU A 32 2.05 -9.40 -6.28
CA LEU A 32 3.38 -8.79 -6.27
C LEU A 32 4.50 -9.83 -6.27
N ALA A 33 4.31 -10.90 -5.52
CA ALA A 33 5.34 -11.93 -5.40
C ALA A 33 5.49 -12.69 -6.72
N ASP A 34 4.39 -12.81 -7.46
CA ASP A 34 4.40 -13.52 -8.73
C ASP A 34 5.09 -12.70 -9.80
N ARG A 35 4.96 -11.39 -9.71
CA ARG A 35 5.60 -10.49 -10.66
C ARG A 35 7.04 -10.19 -10.24
N CYS A 36 7.43 -10.74 -9.10
CA CYS A 36 8.74 -10.47 -8.54
C CYS A 36 9.74 -11.57 -8.89
N GLU A 37 10.66 -11.25 -9.77
CA GLU A 37 11.71 -12.19 -10.18
C GLU A 37 12.93 -12.01 -9.29
N HIS A 38 12.85 -11.03 -8.40
CA HIS A 38 13.95 -10.64 -7.53
C HIS A 38 13.49 -10.52 -6.07
N PRO A 39 12.80 -11.57 -5.55
CA PRO A 39 12.03 -11.55 -4.28
C PRO A 39 12.55 -10.60 -3.19
N ALA A 40 13.86 -10.49 -3.05
CA ALA A 40 14.47 -9.63 -2.04
C ALA A 40 13.92 -8.21 -2.07
N LEU A 41 13.61 -7.70 -3.27
CA LEU A 41 13.14 -6.32 -3.40
C LEU A 41 11.71 -6.16 -2.88
N LEU A 42 11.05 -7.26 -2.53
CA LEU A 42 9.74 -7.19 -1.89
C LEU A 42 9.89 -6.58 -0.50
N ASP A 43 11.03 -6.85 0.12
CA ASP A 43 11.37 -6.24 1.40
C ASP A 43 11.70 -4.77 1.20
N ASP A 44 12.30 -4.48 0.06
CA ASP A 44 12.62 -3.10 -0.30
C ASP A 44 11.34 -2.29 -0.44
N LEU A 45 10.36 -2.88 -1.13
CA LEU A 45 9.03 -2.27 -1.23
C LEU A 45 8.43 -2.06 0.14
N ALA A 46 8.46 -3.10 0.97
CA ALA A 46 7.93 -3.02 2.33
C ALA A 46 8.57 -1.88 3.11
N THR A 47 9.90 -1.82 3.04
CA THR A 47 10.65 -0.78 3.74
C THR A 47 10.32 0.61 3.19
N THR A 48 9.95 0.66 1.91
CA THR A 48 9.54 1.91 1.28
C THR A 48 8.24 2.41 1.88
N LEU A 49 7.38 1.48 2.27
CA LEU A 49 6.03 1.81 2.71
C LEU A 49 6.03 2.54 4.07
N THR A 50 7.16 2.50 4.77
CA THR A 50 7.29 3.21 6.03
C THR A 50 7.27 4.72 5.80
N ALA A 51 8.17 5.20 4.95
CA ALA A 51 8.38 6.62 4.74
C ALA A 51 7.23 7.28 3.99
N VAL A 52 6.35 6.46 3.44
CA VAL A 52 5.26 6.95 2.62
C VAL A 52 3.93 7.02 3.39
N PHE A 53 3.58 5.96 4.12
CA PHE A 53 2.29 5.90 4.79
C PHE A 53 2.43 5.88 6.30
N ALA A 54 3.67 5.73 6.78
CA ALA A 54 3.95 5.55 8.20
C ALA A 54 3.41 4.20 8.68
N VAL A 55 3.05 3.36 7.73
CA VAL A 55 2.61 2.00 8.01
C VAL A 55 3.44 1.04 7.18
N GLU A 56 3.97 0.02 7.81
CA GLU A 56 4.82 -0.91 7.08
C GLU A 56 4.26 -2.31 7.11
N ILE A 57 4.20 -2.92 5.95
CA ILE A 57 3.81 -4.31 5.82
C ILE A 57 5.03 -5.12 5.40
N THR A 58 5.48 -5.99 6.29
CA THR A 58 6.73 -6.70 6.08
C THR A 58 6.70 -7.60 4.85
N GLY A 59 7.86 -7.78 4.23
CA GLY A 59 7.95 -8.48 2.95
C GLY A 59 7.18 -9.79 2.91
N ALA A 60 7.29 -10.58 3.98
CA ALA A 60 6.66 -11.89 4.05
C ALA A 60 5.15 -11.82 3.82
N ASP A 61 4.48 -10.90 4.51
CA ASP A 61 3.02 -10.78 4.40
C ASP A 61 2.64 -9.97 3.16
N LEU A 62 3.55 -9.11 2.71
CA LEU A 62 3.36 -8.34 1.50
C LEU A 62 3.38 -9.27 0.28
N ALA A 63 4.24 -10.28 0.35
CA ALA A 63 4.36 -11.27 -0.71
C ALA A 63 3.24 -12.30 -0.62
N ALA A 64 2.39 -12.18 0.39
CA ALA A 64 1.32 -13.13 0.61
C ALA A 64 0.08 -12.79 -0.21
N GLY A 65 0.29 -12.08 -1.32
CA GLY A 65 -0.79 -11.80 -2.23
C GLY A 65 -1.56 -10.54 -1.88
N ALA A 66 -0.86 -9.51 -1.46
CA ALA A 66 -1.49 -8.23 -1.20
C ALA A 66 -1.28 -7.31 -2.39
N THR A 67 -2.36 -7.03 -3.11
CA THR A 67 -2.29 -6.14 -4.26
C THR A 67 -2.29 -4.69 -3.80
N VAL A 68 -2.13 -3.74 -4.72
CA VAL A 68 -2.06 -2.33 -4.35
C VAL A 68 -3.33 -1.92 -3.59
N ALA A 69 -4.43 -2.60 -3.90
CA ALA A 69 -5.71 -2.30 -3.29
C ALA A 69 -5.76 -2.82 -1.85
N ASP A 70 -4.99 -3.86 -1.56
CA ASP A 70 -4.96 -4.44 -0.23
C ASP A 70 -3.88 -3.76 0.62
N VAL A 71 -2.68 -3.67 0.05
CA VAL A 71 -1.56 -3.00 0.72
C VAL A 71 -1.96 -1.59 1.18
N ALA A 72 -2.73 -0.89 0.35
CA ALA A 72 -3.17 0.45 0.68
C ALA A 72 -4.35 0.44 1.66
N ALA A 73 -5.18 -0.58 1.57
CA ALA A 73 -6.36 -0.70 2.43
C ALA A 73 -5.95 -0.88 3.90
N ARG A 74 -4.74 -1.39 4.10
CA ARG A 74 -4.23 -1.59 5.44
C ARG A 74 -3.37 -0.40 5.88
N MET A 75 -3.24 0.58 4.99
CA MET A 75 -2.49 1.80 5.31
C MET A 75 -3.42 2.84 5.90
N ASP A 76 -4.66 2.81 5.45
CA ASP A 76 -5.67 3.77 5.89
C ASP A 76 -6.37 3.25 7.14
N ASP A 77 -5.85 2.15 7.68
CA ASP A 77 -6.42 1.52 8.88
C ASP A 77 -6.22 2.41 10.10
N ARG A 78 -5.46 3.47 9.92
CA ARG A 78 -5.20 4.42 10.99
C ARG A 78 -6.50 5.10 11.46
N ARG A 79 -7.46 5.25 10.54
CA ARG A 79 -8.75 5.80 10.91
C ARG A 79 -9.79 4.69 11.07
N ASP A 80 -9.30 3.46 11.10
CA ASP A 80 -10.15 2.29 11.33
C ASP A 80 -10.34 2.09 12.83
N ALA A 81 -9.60 2.88 13.58
CA ALA A 81 -9.61 2.83 15.04
C ALA A 81 -10.74 3.72 15.59
N PRO A 82 -10.87 3.92 16.93
CA PRO A 82 -11.85 4.87 17.49
C PRO A 82 -11.91 6.17 16.72
N ARG A 83 -13.12 6.61 16.42
CA ARG A 83 -13.33 7.73 15.52
C ARG A 83 -12.98 9.06 16.17
N ILE A 84 -12.04 9.75 15.53
CA ILE A 84 -11.70 11.12 15.91
C ILE A 84 -12.97 11.96 15.92
N PRO A 85 -13.20 12.73 17.00
CA PRO A 85 -14.44 13.52 17.17
C PRO A 85 -14.67 14.53 16.03
N GLU A 86 -13.67 14.70 15.18
CA GLU A 86 -13.76 15.58 14.02
C GLU A 86 -14.46 14.87 12.86
N LEU A 87 -15.64 14.30 13.15
CA LEU A 87 -16.45 13.60 12.15
C LEU A 87 -15.64 12.58 11.38
N ARG A 88 -15.31 11.47 12.03
CA ARG A 88 -14.44 10.46 11.43
C ARG A 88 -15.21 9.20 11.10
N ALA A 89 -16.54 9.31 11.09
CA ALA A 89 -17.40 8.16 10.84
C ALA A 89 -17.61 7.92 9.35
N GLY A 90 -16.80 8.58 8.52
CA GLY A 90 -16.88 8.41 7.09
C GLY A 90 -16.61 6.99 6.66
N LEU A 91 -15.66 6.34 7.33
CA LEU A 91 -15.35 4.95 7.07
C LEU A 91 -15.57 4.12 8.33
N ALA A 92 -16.24 3.01 8.17
CA ALA A 92 -16.50 2.12 9.29
C ALA A 92 -15.38 1.09 9.43
N PRO A 93 -14.97 0.80 10.67
CA PRO A 93 -13.92 -0.18 10.96
C PRO A 93 -14.16 -1.52 10.28
N ARG A 94 -13.15 -1.97 9.54
CA ARG A 94 -13.18 -3.24 8.82
C ARG A 94 -14.29 -3.25 7.77
N ASP A 95 -14.58 -2.08 7.21
CA ASP A 95 -15.57 -1.92 6.14
C ASP A 95 -16.93 -2.46 6.55
N GLY A 1 -17.91 -0.78 -9.82
CA GLY A 1 -18.20 -0.14 -11.13
C GLY A 1 -17.28 1.02 -11.41
N PRO A 2 -17.82 2.14 -11.93
CA PRO A 2 -17.03 3.34 -12.25
C PRO A 2 -16.52 4.06 -11.01
N MET A 3 -17.23 3.93 -9.90
CA MET A 3 -16.87 4.62 -8.67
C MET A 3 -15.99 3.74 -7.80
N LEU A 4 -14.68 3.83 -8.01
CA LEU A 4 -13.74 3.07 -7.20
C LEU A 4 -13.47 3.79 -5.89
N MET A 5 -13.34 3.03 -4.82
CA MET A 5 -13.04 3.59 -3.51
C MET A 5 -11.54 3.76 -3.34
N ASN A 6 -10.87 4.11 -4.42
CA ASN A 6 -9.42 4.21 -4.43
C ASN A 6 -8.93 5.48 -3.74
N SER A 7 -8.45 5.33 -2.52
CA SER A 7 -7.84 6.43 -1.79
C SER A 7 -6.58 6.88 -2.52
N PRO A 8 -6.28 8.19 -2.49
CA PRO A 8 -5.05 8.73 -3.09
C PRO A 8 -3.80 8.00 -2.60
N LEU A 9 -3.88 7.48 -1.38
CA LEU A 9 -2.78 6.73 -0.80
C LEU A 9 -2.59 5.40 -1.52
N ARG A 10 -3.67 4.85 -2.06
CA ARG A 10 -3.61 3.61 -2.81
C ARG A 10 -2.93 3.84 -4.14
N THR A 11 -3.15 5.02 -4.71
CA THR A 11 -2.47 5.41 -5.94
C THR A 11 -0.97 5.56 -5.68
N THR A 12 -0.62 6.00 -4.48
CA THR A 12 0.77 6.07 -4.06
C THR A 12 1.39 4.68 -4.04
N VAL A 13 0.67 3.73 -3.44
CA VAL A 13 1.11 2.33 -3.41
C VAL A 13 1.32 1.83 -4.84
N LEU A 14 0.35 2.09 -5.69
CA LEU A 14 0.40 1.69 -7.09
C LEU A 14 1.62 2.28 -7.79
N ASP A 15 1.97 3.50 -7.42
CA ASP A 15 3.08 4.21 -8.06
C ASP A 15 4.42 3.62 -7.66
N LEU A 16 4.64 3.42 -6.36
CA LEU A 16 5.92 2.91 -5.89
C LEU A 16 6.03 1.40 -6.04
N ALA A 17 4.91 0.74 -6.27
CA ALA A 17 4.92 -0.70 -6.52
C ALA A 17 5.67 -1.02 -7.81
N ARG A 18 5.21 -0.44 -8.91
CA ARG A 18 5.81 -0.67 -10.23
C ARG A 18 7.29 -0.29 -10.22
N THR A 19 7.63 0.76 -9.50
CA THR A 19 8.99 1.27 -9.45
C THR A 19 9.93 0.29 -8.75
N THR A 20 9.50 -0.21 -7.60
CA THR A 20 10.35 -1.07 -6.78
C THR A 20 10.40 -2.49 -7.33
N LEU A 21 9.29 -2.94 -7.93
CA LEU A 21 9.22 -4.29 -8.48
C LEU A 21 9.86 -4.35 -9.87
N GLY A 22 10.06 -3.19 -10.47
CA GLY A 22 10.70 -3.14 -11.78
C GLY A 22 9.76 -3.48 -12.90
N SER A 23 8.50 -3.12 -12.73
CA SER A 23 7.49 -3.38 -13.75
C SER A 23 7.11 -2.09 -14.47
N ALA A 24 6.78 -2.19 -15.75
CA ALA A 24 6.37 -1.01 -16.51
C ALA A 24 5.03 -0.51 -16.00
N ASP A 25 3.95 -1.16 -16.40
CA ASP A 25 2.64 -0.83 -15.88
C ASP A 25 2.16 -1.93 -14.93
N LEU A 26 2.17 -1.62 -13.65
CA LEU A 26 1.64 -2.50 -12.63
C LEU A 26 0.30 -1.96 -12.16
N THR A 27 -0.72 -2.79 -12.17
CA THR A 27 -2.06 -2.36 -11.78
C THR A 27 -2.41 -2.88 -10.38
N ALA A 28 -3.60 -2.51 -9.89
CA ALA A 28 -4.09 -2.99 -8.60
C ALA A 28 -4.55 -4.43 -8.73
N HIS A 29 -3.64 -5.24 -9.24
CA HIS A 29 -3.91 -6.59 -9.71
C HIS A 29 -2.79 -7.51 -9.23
N GLU A 30 -2.62 -8.65 -9.92
CA GLU A 30 -1.78 -9.78 -9.48
C GLU A 30 -0.66 -9.39 -8.51
N PRO A 31 -0.69 -10.04 -7.32
CA PRO A 31 0.18 -9.72 -6.18
C PRO A 31 1.64 -9.56 -6.55
N LEU A 32 2.28 -8.62 -5.86
CA LEU A 32 3.66 -8.24 -6.10
C LEU A 32 4.60 -9.43 -5.99
N ALA A 33 4.25 -10.37 -5.12
CA ALA A 33 5.07 -11.55 -4.90
C ALA A 33 4.89 -12.57 -6.02
N ASP A 34 3.68 -12.64 -6.55
CA ASP A 34 3.37 -13.57 -7.62
C ASP A 34 3.84 -13.02 -8.96
N ARG A 35 3.93 -11.71 -9.03
CA ARG A 35 4.34 -11.04 -10.24
C ARG A 35 5.86 -10.97 -10.33
N CYS A 36 6.52 -11.00 -9.17
CA CYS A 36 7.96 -10.84 -9.12
C CYS A 36 8.66 -12.18 -8.97
N GLU A 37 9.54 -12.49 -9.93
CA GLU A 37 10.38 -13.67 -9.86
C GLU A 37 11.68 -13.33 -9.13
N HIS A 38 11.72 -12.12 -8.59
CA HIS A 38 12.88 -11.60 -7.86
C HIS A 38 12.44 -11.03 -6.51
N PRO A 39 11.59 -11.75 -5.74
CA PRO A 39 10.87 -11.23 -4.56
C PRO A 39 11.72 -10.37 -3.60
N ALA A 40 13.04 -10.56 -3.61
CA ALA A 40 13.93 -9.73 -2.81
C ALA A 40 13.70 -8.23 -3.07
N LEU A 41 13.18 -7.92 -4.26
CA LEU A 41 12.89 -6.54 -4.64
C LEU A 41 11.78 -5.94 -3.78
N LEU A 42 10.71 -6.69 -3.57
CA LEU A 42 9.55 -6.15 -2.85
C LEU A 42 9.83 -6.00 -1.36
N ASP A 43 10.93 -6.59 -0.91
CA ASP A 43 11.35 -6.42 0.48
C ASP A 43 11.76 -4.97 0.72
N ASP A 44 12.36 -4.37 -0.30
CA ASP A 44 12.75 -2.96 -0.24
C ASP A 44 11.52 -2.08 -0.34
N LEU A 45 10.51 -2.57 -1.06
CA LEU A 45 9.25 -1.87 -1.17
C LEU A 45 8.62 -1.69 0.20
N ALA A 46 8.65 -2.75 0.99
CA ALA A 46 8.17 -2.70 2.36
C ALA A 46 8.92 -1.63 3.15
N THR A 47 10.21 -1.54 2.92
CA THR A 47 11.05 -0.56 3.58
C THR A 47 10.68 0.86 3.13
N THR A 48 10.27 1.00 1.88
CA THR A 48 9.79 2.28 1.36
C THR A 48 8.46 2.67 2.03
N LEU A 49 7.66 1.65 2.35
CA LEU A 49 6.32 1.87 2.89
C LEU A 49 6.37 2.44 4.32
N THR A 50 7.55 2.47 4.92
CA THR A 50 7.72 3.05 6.25
C THR A 50 7.58 4.58 6.20
N ALA A 51 8.33 5.20 5.30
CA ALA A 51 8.41 6.64 5.23
C ALA A 51 7.15 7.25 4.61
N VAL A 52 6.52 6.49 3.73
CA VAL A 52 5.40 7.00 2.96
C VAL A 52 4.10 7.04 3.78
N PHE A 53 3.70 5.92 4.38
CA PHE A 53 2.41 5.86 5.07
C PHE A 53 2.60 5.80 6.59
N ALA A 54 3.86 5.76 7.03
CA ALA A 54 4.20 5.64 8.44
C ALA A 54 3.75 4.30 9.01
N VAL A 55 3.32 3.42 8.13
CA VAL A 55 2.90 2.07 8.51
C VAL A 55 3.50 1.07 7.53
N GLU A 56 4.45 0.30 8.01
CA GLU A 56 5.17 -0.65 7.18
C GLU A 56 4.45 -1.98 7.13
N ILE A 57 4.63 -2.71 6.04
CA ILE A 57 4.11 -4.05 5.92
C ILE A 57 5.27 -5.00 5.57
N THR A 58 5.64 -5.84 6.52
CA THR A 58 6.82 -6.67 6.38
C THR A 58 6.69 -7.69 5.25
N GLY A 59 7.80 -8.25 4.82
CA GLY A 59 7.78 -9.20 3.71
C GLY A 59 6.81 -10.34 3.93
N ALA A 60 6.66 -10.76 5.18
CA ALA A 60 5.79 -11.86 5.54
C ALA A 60 4.34 -11.60 5.11
N ASP A 61 3.89 -10.38 5.29
CA ASP A 61 2.52 -10.01 4.93
C ASP A 61 2.44 -9.52 3.51
N LEU A 62 3.45 -8.76 3.09
CA LEU A 62 3.49 -8.17 1.77
C LEU A 62 3.57 -9.22 0.68
N ALA A 63 4.42 -10.22 0.91
CA ALA A 63 4.62 -11.28 -0.07
C ALA A 63 3.69 -12.46 0.20
N ALA A 64 2.64 -12.23 0.98
CA ALA A 64 1.66 -13.27 1.29
C ALA A 64 0.51 -13.24 0.28
N GLY A 65 0.78 -12.76 -0.92
CA GLY A 65 -0.24 -12.69 -1.94
C GLY A 65 -1.06 -11.42 -1.85
N ALA A 66 -0.40 -10.29 -1.67
CA ALA A 66 -1.07 -9.01 -1.57
C ALA A 66 -0.91 -8.21 -2.87
N THR A 67 -2.03 -7.79 -3.43
CA THR A 67 -2.01 -6.88 -4.56
C THR A 67 -1.79 -5.48 -4.04
N VAL A 68 -1.63 -4.48 -4.90
CA VAL A 68 -1.48 -3.11 -4.42
C VAL A 68 -2.73 -2.70 -3.66
N ALA A 69 -3.86 -3.28 -4.06
CA ALA A 69 -5.13 -3.03 -3.42
C ALA A 69 -5.18 -3.68 -2.04
N ASP A 70 -4.41 -4.74 -1.86
CA ASP A 70 -4.31 -5.42 -0.57
C ASP A 70 -3.33 -4.68 0.33
N VAL A 71 -2.13 -4.41 -0.20
CA VAL A 71 -1.13 -3.64 0.53
C VAL A 71 -1.72 -2.31 1.01
N ALA A 72 -2.42 -1.62 0.12
CA ALA A 72 -2.99 -0.32 0.44
C ALA A 72 -4.17 -0.44 1.40
N ALA A 73 -4.73 -1.63 1.51
CA ALA A 73 -5.90 -1.84 2.36
C ALA A 73 -5.58 -1.61 3.82
N ARG A 74 -4.32 -1.83 4.21
CA ARG A 74 -3.89 -1.56 5.57
C ARG A 74 -3.25 -0.18 5.66
N MET A 75 -3.14 0.48 4.52
CA MET A 75 -2.59 1.82 4.45
C MET A 75 -3.70 2.85 4.59
N ASP A 76 -4.70 2.77 3.71
CA ASP A 76 -5.81 3.71 3.74
C ASP A 76 -6.70 3.44 4.96
N ASP A 77 -6.50 2.27 5.54
CA ASP A 77 -7.22 1.87 6.76
C ASP A 77 -6.97 2.85 7.90
N ARG A 78 -5.81 3.52 7.86
CA ARG A 78 -5.45 4.48 8.89
C ARG A 78 -6.46 5.63 8.93
N ARG A 79 -7.02 5.96 7.78
CA ARG A 79 -8.00 7.03 7.71
C ARG A 79 -9.42 6.47 7.65
N ASP A 80 -9.52 5.15 7.53
CA ASP A 80 -10.82 4.49 7.41
C ASP A 80 -11.39 4.19 8.79
N ALA A 81 -10.57 4.36 9.82
CA ALA A 81 -10.99 4.17 11.20
C ALA A 81 -12.11 5.17 11.56
N PRO A 82 -12.77 5.03 12.74
CA PRO A 82 -13.85 5.93 13.16
C PRO A 82 -13.59 7.40 12.80
N ARG A 83 -14.49 7.96 12.00
CA ARG A 83 -14.32 9.30 11.49
C ARG A 83 -14.38 10.34 12.61
N ILE A 84 -13.53 11.34 12.52
CA ILE A 84 -13.57 12.46 13.44
C ILE A 84 -14.57 13.49 12.94
N PRO A 85 -15.58 13.83 13.75
CA PRO A 85 -16.63 14.81 13.39
C PRO A 85 -16.04 16.16 12.97
N GLU A 86 -14.83 16.44 13.42
CA GLU A 86 -14.13 17.65 13.03
C GLU A 86 -13.08 17.33 11.97
N LEU A 87 -13.57 16.90 10.80
CA LEU A 87 -12.72 16.54 9.65
C LEU A 87 -11.95 15.25 9.89
N ARG A 88 -12.07 14.33 8.93
CA ARG A 88 -11.35 13.05 8.97
C ARG A 88 -10.26 13.05 7.90
N ALA A 89 -9.95 14.24 7.41
CA ALA A 89 -9.04 14.42 6.27
C ALA A 89 -7.66 13.83 6.52
N GLY A 90 -7.16 13.99 7.73
CA GLY A 90 -5.82 13.50 8.05
C GLY A 90 -5.81 12.02 8.34
N LEU A 91 -5.88 11.66 9.62
CA LEU A 91 -5.86 10.26 10.03
C LEU A 91 -6.91 10.00 11.09
N ALA A 92 -7.53 8.83 11.02
CA ALA A 92 -8.52 8.42 11.98
C ALA A 92 -7.90 7.48 13.00
N PRO A 93 -8.30 7.58 14.27
CA PRO A 93 -7.67 6.81 15.35
C PRO A 93 -8.07 5.34 15.32
N ARG A 94 -7.07 4.47 15.17
CA ARG A 94 -7.29 3.03 15.21
C ARG A 94 -7.53 2.56 16.64
N ASP A 95 -7.98 1.31 16.77
CA ASP A 95 -8.21 0.67 18.06
C ASP A 95 -9.25 1.43 18.87
N GLY A 1 -23.42 12.05 -5.14
CA GLY A 1 -22.70 12.75 -6.23
C GLY A 1 -21.67 11.87 -6.87
N PRO A 2 -20.65 12.45 -7.53
CA PRO A 2 -19.57 11.70 -8.17
C PRO A 2 -18.66 11.03 -7.14
N MET A 3 -19.03 9.85 -6.70
CA MET A 3 -18.26 9.12 -5.70
C MET A 3 -16.95 8.64 -6.30
N LEU A 4 -15.85 9.21 -5.82
CA LEU A 4 -14.53 8.82 -6.27
C LEU A 4 -13.91 7.84 -5.28
N MET A 5 -13.52 6.68 -5.77
CA MET A 5 -12.94 5.66 -4.91
C MET A 5 -11.43 5.57 -5.16
N ASN A 6 -10.95 6.30 -6.15
CA ASN A 6 -9.52 6.31 -6.47
C ASN A 6 -8.74 6.99 -5.35
N SER A 7 -8.16 6.18 -4.50
CA SER A 7 -7.41 6.67 -3.35
C SER A 7 -6.00 7.04 -3.77
N PRO A 8 -5.58 8.29 -3.53
CA PRO A 8 -4.25 8.76 -3.88
C PRO A 8 -3.16 7.98 -3.15
N LEU A 9 -3.54 7.43 -2.00
CA LEU A 9 -2.63 6.59 -1.24
C LEU A 9 -2.38 5.28 -1.98
N ARG A 10 -3.45 4.70 -2.51
CA ARG A 10 -3.35 3.48 -3.29
C ARG A 10 -2.64 3.75 -4.61
N THR A 11 -2.90 4.92 -5.18
CA THR A 11 -2.20 5.35 -6.37
C THR A 11 -0.71 5.45 -6.10
N THR A 12 -0.36 5.91 -4.90
CA THR A 12 1.03 5.97 -4.48
C THR A 12 1.62 4.57 -4.37
N VAL A 13 0.87 3.64 -3.77
CA VAL A 13 1.29 2.24 -3.69
C VAL A 13 1.58 1.72 -5.09
N LEU A 14 0.65 1.98 -5.99
CA LEU A 14 0.78 1.57 -7.38
C LEU A 14 2.04 2.18 -8.01
N ASP A 15 2.25 3.46 -7.72
CA ASP A 15 3.36 4.21 -8.29
C ASP A 15 4.71 3.66 -7.87
N LEU A 16 4.88 3.35 -6.59
CA LEU A 16 6.18 2.87 -6.12
C LEU A 16 6.32 1.36 -6.27
N ALA A 17 5.20 0.65 -6.38
CA ALA A 17 5.23 -0.81 -6.58
C ALA A 17 5.91 -1.17 -7.88
N ARG A 18 5.47 -0.54 -8.96
CA ARG A 18 6.02 -0.79 -10.29
C ARG A 18 7.52 -0.52 -10.33
N THR A 19 7.93 0.57 -9.71
CA THR A 19 9.31 1.01 -9.75
C THR A 19 10.23 0.07 -8.98
N THR A 20 9.86 -0.25 -7.74
CA THR A 20 10.69 -1.08 -6.88
C THR A 20 10.74 -2.53 -7.37
N LEU A 21 9.61 -3.09 -7.76
CA LEU A 21 9.55 -4.49 -8.17
C LEU A 21 10.13 -4.67 -9.57
N GLY A 22 10.30 -3.58 -10.30
CA GLY A 22 10.90 -3.65 -11.62
C GLY A 22 9.90 -3.93 -12.71
N SER A 23 8.65 -4.11 -12.33
CA SER A 23 7.58 -4.35 -13.29
C SER A 23 7.13 -3.03 -13.90
N ALA A 24 7.28 -2.90 -15.22
CA ALA A 24 7.05 -1.64 -15.93
C ALA A 24 5.76 -0.97 -15.50
N ASP A 25 4.64 -1.47 -16.00
CA ASP A 25 3.35 -0.95 -15.60
C ASP A 25 2.59 -1.97 -14.77
N LEU A 26 2.50 -1.70 -13.49
CA LEU A 26 1.77 -2.57 -12.56
C LEU A 26 0.41 -1.93 -12.26
N THR A 27 -0.64 -2.74 -12.27
CA THR A 27 -1.99 -2.26 -12.01
C THR A 27 -2.47 -2.73 -10.63
N ALA A 28 -3.64 -2.25 -10.21
CA ALA A 28 -4.22 -2.63 -8.91
C ALA A 28 -4.75 -4.06 -8.97
N HIS A 29 -3.86 -4.97 -9.30
CA HIS A 29 -4.18 -6.33 -9.66
C HIS A 29 -3.15 -7.27 -9.03
N GLU A 30 -3.03 -8.49 -9.59
CA GLU A 30 -2.27 -9.61 -9.03
C GLU A 30 -1.10 -9.19 -8.12
N PRO A 31 -1.01 -9.84 -6.94
CA PRO A 31 -0.05 -9.52 -5.89
C PRO A 31 1.39 -9.56 -6.39
N LEU A 32 2.17 -8.62 -5.87
CA LEU A 32 3.56 -8.41 -6.27
C LEU A 32 4.40 -9.66 -6.08
N ALA A 33 4.00 -10.51 -5.14
CA ALA A 33 4.72 -11.74 -4.86
C ALA A 33 4.69 -12.69 -6.06
N ASP A 34 3.58 -12.73 -6.75
CA ASP A 34 3.41 -13.61 -7.90
C ASP A 34 3.73 -12.87 -9.19
N ARG A 35 3.54 -11.56 -9.17
CA ARG A 35 3.75 -10.73 -10.34
C ARG A 35 5.24 -10.55 -10.63
N CYS A 36 6.03 -10.36 -9.58
CA CYS A 36 7.45 -10.07 -9.75
C CYS A 36 8.29 -11.34 -9.62
N GLU A 37 9.31 -11.43 -10.47
CA GLU A 37 10.24 -12.57 -10.45
C GLU A 37 11.41 -12.26 -9.52
N HIS A 38 11.32 -11.14 -8.83
CA HIS A 38 12.40 -10.63 -8.00
C HIS A 38 11.94 -10.37 -6.56
N PRO A 39 11.25 -11.33 -5.90
CA PRO A 39 10.62 -11.13 -4.58
C PRO A 39 11.53 -10.44 -3.54
N ALA A 40 12.83 -10.44 -3.75
CA ALA A 40 13.75 -9.72 -2.88
C ALA A 40 13.40 -8.23 -2.83
N LEU A 41 12.87 -7.74 -3.95
CA LEU A 41 12.51 -6.33 -4.08
C LEU A 41 11.26 -6.00 -3.26
N LEU A 42 10.57 -7.03 -2.78
CA LEU A 42 9.41 -6.84 -1.93
C LEU A 42 9.82 -6.23 -0.60
N ASP A 43 11.02 -6.60 -0.14
CA ASP A 43 11.56 -6.07 1.10
C ASP A 43 11.99 -4.62 0.90
N ASP A 44 12.46 -4.32 -0.31
CA ASP A 44 12.80 -2.95 -0.67
C ASP A 44 11.55 -2.09 -0.62
N LEU A 45 10.47 -2.59 -1.21
CA LEU A 45 9.21 -1.87 -1.23
C LEU A 45 8.67 -1.68 0.18
N ALA A 46 8.73 -2.75 0.99
CA ALA A 46 8.29 -2.69 2.37
C ALA A 46 9.01 -1.60 3.13
N THR A 47 10.33 -1.54 2.96
CA THR A 47 11.15 -0.53 3.62
C THR A 47 10.81 0.87 3.13
N THR A 48 10.21 0.94 1.95
CA THR A 48 9.78 2.21 1.37
C THR A 48 8.44 2.65 1.97
N LEU A 49 7.60 1.68 2.32
CA LEU A 49 6.25 1.96 2.80
C LEU A 49 6.27 2.63 4.17
N THR A 50 7.43 2.63 4.81
CA THR A 50 7.61 3.31 6.09
C THR A 50 7.40 4.82 5.94
N ALA A 51 8.22 5.42 5.08
CA ALA A 51 8.27 6.86 4.91
C ALA A 51 6.99 7.42 4.30
N VAL A 52 6.32 6.59 3.53
CA VAL A 52 5.17 7.04 2.74
C VAL A 52 3.85 7.00 3.52
N PHE A 53 3.59 5.91 4.22
CA PHE A 53 2.29 5.76 4.90
C PHE A 53 2.43 5.71 6.41
N ALA A 54 3.67 5.79 6.90
CA ALA A 54 3.96 5.65 8.32
C ALA A 54 3.65 4.23 8.81
N VAL A 55 3.34 3.36 7.87
CA VAL A 55 3.00 1.99 8.16
C VAL A 55 3.80 1.07 7.27
N GLU A 56 4.67 0.27 7.86
CA GLU A 56 5.46 -0.65 7.10
C GLU A 56 4.86 -2.05 7.16
N ILE A 57 4.80 -2.70 6.02
CA ILE A 57 4.33 -4.06 5.93
C ILE A 57 5.49 -4.95 5.49
N THR A 58 6.08 -5.64 6.45
CA THR A 58 7.28 -6.42 6.21
C THR A 58 7.07 -7.49 5.14
N GLY A 59 8.18 -7.93 4.53
CA GLY A 59 8.13 -8.84 3.39
C GLY A 59 7.19 -10.02 3.59
N ALA A 60 7.26 -10.64 4.75
CA ALA A 60 6.45 -11.82 5.05
C ALA A 60 4.95 -11.52 4.92
N ASP A 61 4.57 -10.27 5.20
CA ASP A 61 3.17 -9.87 5.14
C ASP A 61 2.83 -9.36 3.75
N LEU A 62 3.75 -8.61 3.17
CA LEU A 62 3.56 -8.01 1.85
C LEU A 62 3.54 -9.07 0.76
N ALA A 63 4.39 -10.07 0.91
CA ALA A 63 4.49 -11.14 -0.07
C ALA A 63 3.50 -12.26 0.24
N ALA A 64 2.58 -12.00 1.16
CA ALA A 64 1.57 -12.98 1.55
C ALA A 64 0.37 -12.93 0.61
N GLY A 65 0.62 -12.52 -0.63
CA GLY A 65 -0.44 -12.46 -1.61
C GLY A 65 -1.27 -11.20 -1.52
N ALA A 66 -0.63 -10.09 -1.18
CA ALA A 66 -1.30 -8.83 -1.07
C ALA A 66 -1.16 -8.03 -2.35
N THR A 67 -2.28 -7.66 -2.94
CA THR A 67 -2.27 -6.79 -4.10
C THR A 67 -2.03 -5.36 -3.64
N VAL A 68 -1.69 -4.47 -4.55
CA VAL A 68 -1.50 -3.08 -4.20
C VAL A 68 -2.80 -2.51 -3.64
N ALA A 69 -3.91 -3.14 -4.00
CA ALA A 69 -5.21 -2.78 -3.49
C ALA A 69 -5.30 -3.14 -2.01
N ASP A 70 -4.88 -4.36 -1.68
CA ASP A 70 -4.94 -4.85 -0.30
C ASP A 70 -3.90 -4.15 0.58
N VAL A 71 -2.66 -4.07 0.11
CA VAL A 71 -1.62 -3.33 0.83
C VAL A 71 -2.10 -1.90 1.15
N ALA A 72 -2.70 -1.26 0.16
CA ALA A 72 -3.23 0.09 0.35
C ALA A 72 -4.43 0.08 1.28
N ALA A 73 -5.21 -1.00 1.23
CA ALA A 73 -6.38 -1.14 2.09
C ALA A 73 -5.95 -1.19 3.55
N ARG A 74 -4.83 -1.85 3.79
CA ARG A 74 -4.26 -1.90 5.13
C ARG A 74 -3.92 -0.49 5.61
N MET A 75 -3.38 0.32 4.72
CA MET A 75 -3.03 1.70 5.04
C MET A 75 -4.28 2.51 5.27
N ASP A 76 -5.29 2.27 4.43
CA ASP A 76 -6.59 2.92 4.56
C ASP A 76 -7.21 2.60 5.91
N ASP A 77 -7.31 1.31 6.22
CA ASP A 77 -7.88 0.86 7.48
C ASP A 77 -7.03 1.29 8.67
N ARG A 78 -5.72 1.38 8.45
CA ARG A 78 -4.79 1.76 9.51
C ARG A 78 -5.12 3.14 10.08
N ARG A 79 -5.41 4.08 9.20
CA ARG A 79 -5.70 5.44 9.65
C ARG A 79 -7.21 5.68 9.71
N ASP A 80 -7.98 4.66 9.33
CA ASP A 80 -9.44 4.72 9.38
C ASP A 80 -9.92 4.78 10.82
N ALA A 81 -9.07 4.31 11.73
CA ALA A 81 -9.34 4.38 13.15
C ALA A 81 -9.44 5.85 13.59
N PRO A 82 -10.23 6.12 14.64
CA PRO A 82 -10.45 7.48 15.16
C PRO A 82 -9.15 8.21 15.47
N ARG A 83 -9.17 9.54 15.35
CA ARG A 83 -7.99 10.34 15.55
C ARG A 83 -7.68 10.52 17.03
N ILE A 84 -6.63 9.85 17.46
CA ILE A 84 -6.18 9.91 18.84
C ILE A 84 -5.16 11.04 18.98
N PRO A 85 -5.19 11.81 20.08
CA PRO A 85 -4.26 12.92 20.31
C PRO A 85 -2.84 12.65 19.81
N GLU A 86 -2.30 11.49 20.13
CA GLU A 86 -0.94 11.13 19.74
C GLU A 86 -0.93 10.15 18.56
N LEU A 87 -1.93 10.26 17.70
CA LEU A 87 -2.02 9.41 16.52
C LEU A 87 -2.83 10.12 15.43
N ARG A 88 -2.89 11.44 15.53
CA ARG A 88 -3.61 12.25 14.56
C ARG A 88 -2.65 13.14 13.77
N ALA A 89 -1.37 12.83 13.85
CA ALA A 89 -0.33 13.65 13.21
C ALA A 89 -0.38 13.51 11.70
N GLY A 90 -0.99 12.44 11.22
CA GLY A 90 -1.11 12.23 9.80
C GLY A 90 -2.34 12.90 9.22
N LEU A 91 -3.36 12.10 8.91
CA LEU A 91 -4.58 12.62 8.31
C LEU A 91 -5.80 12.01 8.97
N ALA A 92 -6.93 12.68 8.82
CA ALA A 92 -8.20 12.20 9.33
C ALA A 92 -9.01 11.58 8.20
N PRO A 93 -9.86 10.59 8.51
CA PRO A 93 -10.78 10.02 7.54
C PRO A 93 -11.79 11.05 7.05
N ARG A 94 -12.32 10.84 5.85
CA ARG A 94 -13.32 11.73 5.27
C ARG A 94 -12.72 13.12 4.99
N ASP A 95 -11.45 13.13 4.62
CA ASP A 95 -10.76 14.37 4.30
C ASP A 95 -10.66 14.53 2.79
N GLY A 1 -15.64 9.46 -9.41
CA GLY A 1 -17.09 9.29 -9.69
C GLY A 1 -17.92 9.71 -8.51
N PRO A 2 -19.18 9.21 -8.42
CA PRO A 2 -20.10 9.58 -7.34
C PRO A 2 -19.59 9.14 -5.97
N MET A 3 -19.25 7.87 -5.85
CA MET A 3 -18.77 7.31 -4.59
C MET A 3 -17.25 7.23 -4.59
N LEU A 4 -16.66 7.02 -3.43
CA LEU A 4 -15.22 6.92 -3.33
C LEU A 4 -14.80 5.47 -3.14
N MET A 5 -14.12 4.93 -4.13
CA MET A 5 -13.68 3.53 -4.08
C MET A 5 -12.17 3.42 -4.24
N ASN A 6 -11.56 4.47 -4.77
CA ASN A 6 -10.11 4.47 -4.99
C ASN A 6 -9.43 5.42 -4.03
N SER A 7 -8.85 4.88 -2.97
CA SER A 7 -8.11 5.66 -1.99
C SER A 7 -6.92 6.36 -2.65
N PRO A 8 -6.71 7.65 -2.32
CA PRO A 8 -5.59 8.43 -2.86
C PRO A 8 -4.23 7.85 -2.48
N LEU A 9 -4.22 7.02 -1.45
CA LEU A 9 -3.00 6.35 -1.03
C LEU A 9 -2.75 5.12 -1.90
N ARG A 10 -3.80 4.60 -2.51
CA ARG A 10 -3.69 3.40 -3.32
C ARG A 10 -2.90 3.68 -4.59
N THR A 11 -3.14 4.83 -5.19
CA THR A 11 -2.41 5.22 -6.39
C THR A 11 -0.95 5.44 -6.06
N THR A 12 -0.67 5.82 -4.83
CA THR A 12 0.69 5.98 -4.35
C THR A 12 1.38 4.62 -4.23
N VAL A 13 0.63 3.63 -3.71
CA VAL A 13 1.13 2.26 -3.65
C VAL A 13 1.41 1.75 -5.05
N LEU A 14 0.42 1.92 -5.93
CA LEU A 14 0.51 1.48 -7.32
C LEU A 14 1.73 2.12 -7.99
N ASP A 15 1.97 3.38 -7.66
CA ASP A 15 3.07 4.14 -8.24
C ASP A 15 4.43 3.53 -7.90
N LEU A 16 4.63 3.19 -6.63
CA LEU A 16 5.92 2.65 -6.21
C LEU A 16 6.00 1.13 -6.39
N ALA A 17 4.84 0.50 -6.55
CA ALA A 17 4.79 -0.95 -6.79
C ALA A 17 5.51 -1.31 -8.08
N ARG A 18 5.22 -0.59 -9.15
CA ARG A 18 5.83 -0.89 -10.44
C ARG A 18 7.32 -0.59 -10.41
N THR A 19 7.71 0.38 -9.59
CA THR A 19 9.10 0.80 -9.50
C THR A 19 9.96 -0.25 -8.78
N THR A 20 9.52 -0.65 -7.60
CA THR A 20 10.28 -1.62 -6.81
C THR A 20 10.25 -3.01 -7.45
N LEU A 21 9.13 -3.36 -8.06
CA LEU A 21 9.01 -4.66 -8.70
C LEU A 21 9.66 -4.66 -10.08
N GLY A 22 10.08 -3.48 -10.52
CA GLY A 22 10.79 -3.35 -11.78
C GLY A 22 9.92 -3.70 -12.98
N SER A 23 8.66 -3.32 -12.91
CA SER A 23 7.72 -3.63 -13.97
C SER A 23 7.24 -2.33 -14.64
N ALA A 24 6.83 -2.43 -15.90
CA ALA A 24 6.36 -1.27 -16.65
C ALA A 24 4.97 -0.87 -16.20
N ASP A 25 3.99 -1.73 -16.44
CA ASP A 25 2.62 -1.46 -16.05
C ASP A 25 2.18 -2.38 -14.92
N LEU A 26 2.03 -1.80 -13.74
CA LEU A 26 1.55 -2.53 -12.59
C LEU A 26 0.08 -2.17 -12.37
N THR A 27 -0.76 -3.17 -12.25
CA THR A 27 -2.19 -2.95 -12.07
C THR A 27 -2.59 -3.12 -10.60
N ALA A 28 -3.77 -2.64 -10.25
CA ALA A 28 -4.20 -2.60 -8.85
C ALA A 28 -4.12 -3.98 -8.21
N HIS A 29 -4.71 -4.97 -8.85
CA HIS A 29 -4.62 -6.32 -8.31
C HIS A 29 -3.93 -7.24 -9.29
N GLU A 30 -2.62 -7.30 -9.18
CA GLU A 30 -1.84 -8.40 -9.67
C GLU A 30 -0.91 -8.88 -8.56
N PRO A 31 -0.74 -10.19 -8.40
CA PRO A 31 0.09 -10.75 -7.34
C PRO A 31 1.55 -10.30 -7.45
N LEU A 32 1.96 -9.44 -6.51
CA LEU A 32 3.28 -8.83 -6.52
C LEU A 32 4.40 -9.88 -6.46
N ALA A 33 4.23 -10.89 -5.61
CA ALA A 33 5.25 -11.91 -5.43
C ALA A 33 5.36 -12.79 -6.67
N ASP A 34 4.34 -12.74 -7.50
CA ASP A 34 4.30 -13.51 -8.73
C ASP A 34 4.75 -12.65 -9.90
N ARG A 35 5.21 -11.45 -9.61
CA ARG A 35 5.71 -10.55 -10.64
C ARG A 35 7.21 -10.35 -10.51
N CYS A 36 7.77 -10.86 -9.42
CA CYS A 36 9.18 -10.65 -9.14
C CYS A 36 9.98 -11.95 -9.27
N GLU A 37 11.07 -11.88 -10.02
CA GLU A 37 12.06 -12.94 -10.03
C GLU A 37 13.12 -12.64 -8.99
N HIS A 38 12.93 -11.50 -8.33
CA HIS A 38 13.83 -10.98 -7.31
C HIS A 38 13.10 -10.73 -5.97
N PRO A 39 12.32 -11.72 -5.47
CA PRO A 39 11.39 -11.55 -4.32
C PRO A 39 12.00 -10.82 -3.11
N ALA A 40 13.32 -10.80 -3.00
CA ALA A 40 13.99 -10.07 -1.92
C ALA A 40 13.71 -8.57 -2.03
N LEU A 41 13.29 -8.13 -3.20
CA LEU A 41 12.96 -6.73 -3.44
C LEU A 41 11.57 -6.40 -2.90
N LEU A 42 10.76 -7.43 -2.64
CA LEU A 42 9.45 -7.24 -2.03
C LEU A 42 9.61 -6.68 -0.63
N ASP A 43 10.69 -7.09 0.02
CA ASP A 43 11.01 -6.61 1.36
C ASP A 43 11.51 -5.17 1.28
N ASP A 44 12.19 -4.85 0.18
CA ASP A 44 12.65 -3.48 -0.06
C ASP A 44 11.45 -2.57 -0.31
N LEU A 45 10.44 -3.12 -0.98
CA LEU A 45 9.17 -2.42 -1.16
C LEU A 45 8.56 -2.10 0.19
N ALA A 46 8.57 -3.09 1.08
CA ALA A 46 8.09 -2.91 2.44
C ALA A 46 8.86 -1.80 3.14
N THR A 47 10.17 -1.80 2.98
CA THR A 47 11.03 -0.77 3.55
C THR A 47 10.60 0.61 3.08
N THR A 48 10.20 0.70 1.81
CA THR A 48 9.75 1.94 1.23
C THR A 48 8.41 2.37 1.80
N LEU A 49 7.57 1.40 2.17
CA LEU A 49 6.22 1.68 2.63
C LEU A 49 6.20 2.42 3.96
N THR A 50 7.33 2.40 4.68
CA THR A 50 7.44 3.11 5.94
C THR A 50 7.37 4.62 5.73
N ALA A 51 8.25 5.14 4.91
CA ALA A 51 8.40 6.58 4.72
C ALA A 51 7.22 7.18 3.97
N VAL A 52 6.48 6.35 3.25
CA VAL A 52 5.41 6.82 2.39
C VAL A 52 4.06 6.89 3.13
N PHE A 53 3.75 5.88 3.93
CA PHE A 53 2.44 5.83 4.58
C PHE A 53 2.56 5.82 6.09
N ALA A 54 3.79 5.86 6.59
CA ALA A 54 4.07 5.78 8.03
C ALA A 54 3.64 4.43 8.59
N VAL A 55 3.42 3.48 7.69
CA VAL A 55 3.01 2.12 8.06
C VAL A 55 3.76 1.12 7.20
N GLU A 56 4.32 0.11 7.80
CA GLU A 56 5.03 -0.89 7.04
C GLU A 56 4.32 -2.23 7.10
N ILE A 57 4.36 -2.93 5.98
CA ILE A 57 3.88 -4.28 5.90
C ILE A 57 5.04 -5.19 5.53
N THR A 58 5.47 -6.01 6.48
CA THR A 58 6.71 -6.75 6.35
C THR A 58 6.73 -7.66 5.13
N GLY A 59 7.93 -7.87 4.58
CA GLY A 59 8.10 -8.56 3.31
C GLY A 59 7.31 -9.85 3.19
N ALA A 60 7.39 -10.69 4.21
CA ALA A 60 6.75 -12.00 4.20
C ALA A 60 5.22 -11.88 4.10
N ASP A 61 4.69 -10.81 4.68
CA ASP A 61 3.24 -10.60 4.70
C ASP A 61 2.79 -9.84 3.46
N LEU A 62 3.64 -8.94 2.98
CA LEU A 62 3.38 -8.21 1.75
C LEU A 62 3.42 -9.15 0.55
N ALA A 63 4.39 -10.05 0.55
CA ALA A 63 4.57 -11.01 -0.52
C ALA A 63 3.60 -12.18 -0.41
N ALA A 64 2.65 -12.07 0.52
CA ALA A 64 1.66 -13.13 0.70
C ALA A 64 0.58 -13.05 -0.36
N GLY A 65 0.50 -11.90 -1.05
CA GLY A 65 -0.49 -11.73 -2.08
C GLY A 65 -1.25 -10.43 -1.97
N ALA A 66 -0.79 -9.55 -1.09
CA ALA A 66 -1.41 -8.26 -0.90
C ALA A 66 -1.05 -7.34 -2.05
N THR A 67 -2.03 -7.04 -2.90
CA THR A 67 -1.81 -6.17 -4.04
C THR A 67 -1.92 -4.71 -3.60
N VAL A 68 -1.83 -3.77 -4.53
CA VAL A 68 -1.84 -2.36 -4.18
C VAL A 68 -3.14 -2.00 -3.46
N ALA A 69 -4.21 -2.72 -3.79
CA ALA A 69 -5.51 -2.48 -3.18
C ALA A 69 -5.53 -3.01 -1.75
N ASP A 70 -4.90 -4.17 -1.55
CA ASP A 70 -4.83 -4.79 -0.23
C ASP A 70 -4.00 -3.94 0.73
N VAL A 71 -2.74 -3.72 0.35
CA VAL A 71 -1.82 -2.95 1.17
C VAL A 71 -2.35 -1.54 1.47
N ALA A 72 -2.99 -0.93 0.48
CA ALA A 72 -3.51 0.44 0.64
C ALA A 72 -4.69 0.49 1.60
N ALA A 73 -5.45 -0.59 1.67
CA ALA A 73 -6.61 -0.66 2.55
C ALA A 73 -6.17 -0.54 4.01
N ARG A 74 -4.96 -1.02 4.28
CA ARG A 74 -4.40 -0.95 5.63
C ARG A 74 -3.94 0.46 5.94
N MET A 75 -3.75 1.26 4.90
CA MET A 75 -3.33 2.65 5.07
C MET A 75 -4.55 3.53 5.31
N ASP A 76 -5.72 2.99 4.98
CA ASP A 76 -6.99 3.66 5.31
C ASP A 76 -7.37 3.32 6.74
N ASP A 77 -6.75 2.25 7.25
CA ASP A 77 -7.05 1.74 8.59
C ASP A 77 -6.24 2.48 9.65
N ARG A 78 -5.25 3.25 9.21
CA ARG A 78 -4.30 3.93 10.11
C ARG A 78 -5.04 4.69 11.22
N ARG A 79 -5.89 5.63 10.85
CA ARG A 79 -6.68 6.36 11.82
C ARG A 79 -8.10 5.83 11.90
N ASP A 80 -8.33 4.68 11.30
CA ASP A 80 -9.66 4.08 11.28
C ASP A 80 -10.02 3.55 12.67
N ALA A 81 -9.00 3.28 13.46
CA ALA A 81 -9.20 2.84 14.84
C ALA A 81 -10.02 3.85 15.63
N PRO A 82 -10.92 3.37 16.51
CA PRO A 82 -11.83 4.21 17.30
C PRO A 82 -11.15 5.48 17.82
N ARG A 83 -11.69 6.62 17.42
CA ARG A 83 -11.03 7.90 17.63
C ARG A 83 -11.39 8.52 18.97
N ILE A 84 -10.43 8.54 19.87
CA ILE A 84 -10.57 9.22 21.15
C ILE A 84 -10.73 10.72 20.90
N PRO A 85 -11.71 11.37 21.57
CA PRO A 85 -12.06 12.78 21.40
C PRO A 85 -10.90 13.71 21.04
N GLU A 86 -9.80 13.62 21.79
CA GLU A 86 -8.66 14.50 21.56
C GLU A 86 -7.46 13.74 20.98
N LEU A 87 -7.61 13.29 19.74
CA LEU A 87 -6.51 12.63 19.01
C LEU A 87 -5.99 11.40 19.73
N ARG A 88 -6.53 10.25 19.36
CA ARG A 88 -6.11 8.97 19.92
C ARG A 88 -4.61 8.78 19.77
N ALA A 89 -4.15 8.75 18.52
CA ALA A 89 -2.74 8.51 18.24
C ALA A 89 -2.05 9.75 17.71
N GLY A 90 -2.75 10.48 16.84
CA GLY A 90 -2.17 11.64 16.19
C GLY A 90 -1.20 11.23 15.10
N LEU A 91 -1.13 9.93 14.86
CA LEU A 91 -0.19 9.36 13.91
C LEU A 91 -0.73 8.05 13.35
N ALA A 92 0.03 7.43 12.47
CA ALA A 92 -0.33 6.13 11.92
C ALA A 92 0.46 5.03 12.63
N PRO A 93 -0.22 3.99 13.14
CA PRO A 93 0.43 2.90 13.85
C PRO A 93 0.97 1.80 12.91
N ARG A 94 1.70 0.86 13.50
CA ARG A 94 2.31 -0.26 12.76
C ARG A 94 3.52 0.20 11.94
N ASP A 95 4.68 0.17 12.58
CA ASP A 95 5.92 0.58 11.95
C ASP A 95 7.00 -0.47 12.18
#